data_1WBZ
#
_entry.id   1WBZ
#
_cell.length_a   89.166
_cell.length_b   91.256
_cell.length_c   67.183
_cell.angle_alpha   90.00
_cell.angle_beta   111.37
_cell.angle_gamma   90.00
#
_symmetry.space_group_name_H-M   'P 1 21 1'
#
loop_
_entity.id
_entity.type
_entity.pdbx_description
1 polymer 'H-2 CLASS I HISTOCOMPATIBILITY ANTIGEN, K-B ALPHA CHAIN PRECURSOR'
2 polymer BETA-2MICROGLOBULIN
3 polymer 'INFLUENZA A PEPTIDE'
4 water water
#
loop_
_entity_poly.entity_id
_entity_poly.type
_entity_poly.pdbx_seq_one_letter_code
_entity_poly.pdbx_strand_id
1 'polypeptide(L)'
;GPHSLRYFVTAVSRPGLGEPRYMEVGYVDDTEFVRFDSDAENPRYEPRARWMEQEGPEYWERETQKAKGNEQSFRVDLRT
LLGYYNQSKGGSHTIQVISGCEVGSDGRLLRGYQQYAYDGCDYIALNEDLKTWTAADMAALITKHKWEQAGEAERLRAYL
EGTCVEWLRRYLKNGNATLLRTDSPKAHVTHHSRPEDKVTLRCWALGFYPADITLTWQLNGEELIQDMELVETRPAGDGT
FQKWASVVVPLGKEQYYTCHVYHQGLPEPLTLRWE
;
A,C
2 'polypeptide(L)'
;IQKTPQIQVYSRHPPENGKPNILNCYVTQFHPPHIEIQMLKNGKKIPKVEMSDMSFSKDWSFYILAHTEFTPTETDTYAC
RVKHDSMAEPKTVYWDRDM
;
B,D
3 'polypeptide(L)' SSYRRPVGI P,Q
#
# COMPACT_ATOMS: atom_id res chain seq x y z
N GLY A 1 23.57 13.36 -25.06
CA GLY A 1 22.09 13.23 -24.86
C GLY A 1 21.62 14.21 -23.80
N PRO A 2 20.58 13.87 -23.03
CA PRO A 2 20.06 14.79 -22.02
C PRO A 2 20.96 14.90 -20.80
N HIS A 3 20.68 15.90 -19.96
CA HIS A 3 21.47 16.19 -18.77
C HIS A 3 20.57 16.76 -17.68
N SER A 4 21.08 16.76 -16.46
CA SER A 4 20.36 17.27 -15.31
C SER A 4 21.30 18.02 -14.34
N LEU A 5 20.74 19.00 -13.64
CA LEU A 5 21.38 19.63 -12.49
C LEU A 5 20.37 19.55 -11.36
N ARG A 6 20.78 18.93 -10.24
CA ARG A 6 19.90 18.71 -9.09
C ARG A 6 20.66 19.03 -7.84
N TYR A 7 19.99 19.63 -6.86
CA TYR A 7 20.53 19.86 -5.52
C TYR A 7 19.65 19.12 -4.51
N PHE A 8 20.29 18.29 -3.70
CA PHE A 8 19.70 17.56 -2.59
C PHE A 8 20.07 18.21 -1.26
N VAL A 9 19.06 18.74 -0.59
CA VAL A 9 19.24 19.46 0.67
C VAL A 9 18.58 18.70 1.81
N THR A 10 19.29 18.62 2.94
CA THR A 10 18.78 18.09 4.18
C THR A 10 19.04 19.06 5.34
N ALA A 11 17.99 19.35 6.10
CA ALA A 11 18.11 20.05 7.37
C ALA A 11 17.55 19.16 8.47
N VAL A 12 18.38 18.99 9.49
CA VAL A 12 18.12 18.07 10.59
C VAL A 12 18.26 18.78 11.91
N SER A 13 17.15 18.85 12.68
CA SER A 13 17.19 19.45 14.02
C SER A 13 17.75 18.43 15.00
N ARG A 14 18.48 18.96 15.98
CA ARG A 14 19.20 18.14 16.97
C ARG A 14 19.06 18.78 18.35
N PRO A 15 17.86 18.82 18.91
CA PRO A 15 17.63 19.61 20.13
C PRO A 15 18.54 19.14 21.27
N GLY A 16 19.23 20.07 21.93
CA GLY A 16 20.15 19.68 23.00
C GLY A 16 21.49 19.11 22.58
N LEU A 17 21.71 18.88 21.28
CA LEU A 17 23.03 18.46 20.79
C LEU A 17 23.70 19.52 19.92
N GLY A 18 23.07 20.68 19.77
CA GLY A 18 23.61 21.72 18.90
C GLY A 18 22.61 22.33 17.93
N GLU A 19 23.13 23.13 17.02
CA GLU A 19 22.34 23.81 16.00
C GLU A 19 21.88 22.78 14.95
N PRO A 20 20.79 23.05 14.24
CA PRO A 20 20.39 22.16 13.16
C PRO A 20 21.53 21.96 12.18
N ARG A 21 21.64 20.76 11.63
CA ARG A 21 22.67 20.49 10.61
C ARG A 21 22.04 20.73 9.26
N TYR A 22 22.70 21.56 8.46
CA TYR A 22 22.32 21.83 7.11
C TYR A 22 23.35 21.23 6.13
N MET A 23 22.82 20.47 5.18
CA MET A 23 23.63 19.78 4.17
C MET A 23 23.05 20.02 2.81
N GLU A 24 23.92 20.33 1.86
CA GLU A 24 23.51 20.61 0.49
C GLU A 24 24.49 19.92 -0.48
N VAL A 25 23.93 19.12 -1.38
CA VAL A 25 24.70 18.33 -2.35
C VAL A 25 24.16 18.53 -3.77
N GLY A 26 25.06 18.90 -4.67
CA GLY A 26 24.76 19.17 -6.04
C GLY A 26 25.26 18.02 -6.88
N TYR A 27 24.46 17.69 -7.88
CA TYR A 27 24.74 16.63 -8.85
C TYR A 27 24.53 17.14 -10.29
N VAL A 28 25.53 16.89 -11.14
CA VAL A 28 25.38 16.98 -12.57
C VAL A 28 25.24 15.56 -13.12
N ASP A 29 24.19 15.38 -13.91
CA ASP A 29 23.80 14.07 -14.38
C ASP A 29 23.56 13.27 -13.12
N ASP A 30 24.14 12.15 -12.82
CA ASP A 30 23.80 11.75 -11.43
C ASP A 30 25.04 11.61 -10.57
N THR A 31 25.93 12.58 -10.78
CA THR A 31 27.26 12.64 -10.21
C THR A 31 27.43 13.86 -9.29
N GLU A 32 27.73 13.61 -8.02
CA GLU A 32 27.98 14.64 -7.04
C GLU A 32 29.18 15.48 -7.49
N PHE A 33 29.00 16.81 -7.52
CA PHE A 33 30.04 17.75 -7.98
C PHE A 33 30.30 18.89 -7.00
N VAL A 34 29.39 19.11 -6.06
CA VAL A 34 29.59 20.06 -4.95
C VAL A 34 28.86 19.57 -3.68
N ARG A 35 29.29 20.11 -2.55
CA ARG A 35 28.73 19.75 -1.26
C ARG A 35 29.01 20.86 -0.23
N PHE A 36 28.00 21.17 0.58
CA PHE A 36 28.14 22.00 1.76
C PHE A 36 27.58 21.23 2.97
N ASP A 37 28.34 21.27 4.07
CA ASP A 37 27.93 20.65 5.32
C ASP A 37 28.17 21.66 6.45
N SER A 38 27.11 22.08 7.13
CA SER A 38 27.24 23.09 8.20
C SER A 38 27.99 22.61 9.41
N ASP A 39 28.29 21.32 9.50
CA ASP A 39 29.02 20.74 10.64
C ASP A 39 30.56 20.79 10.63
N ALA A 40 31.17 21.15 9.51
CA ALA A 40 32.59 21.53 9.55
C ALA A 40 32.64 22.90 10.21
N GLU A 41 33.76 23.35 10.77
CA GLU A 41 33.82 24.80 11.11
C GLU A 41 34.48 25.54 9.96
N ASN A 42 34.18 26.83 9.94
CA ASN A 42 34.23 27.64 8.75
C ASN A 42 33.74 26.77 7.60
N PRO A 43 32.47 26.36 7.65
CA PRO A 43 31.92 25.52 6.61
C PRO A 43 31.97 26.29 5.31
N ARG A 44 32.26 25.57 4.24
CA ARG A 44 32.51 26.17 2.97
C ARG A 44 31.85 25.31 1.92
N TYR A 45 31.32 25.94 0.88
CA TYR A 45 30.88 25.23 -0.32
C TYR A 45 32.15 24.69 -0.97
N GLU A 46 32.13 23.42 -1.38
CA GLU A 46 33.34 22.72 -1.75
C GLU A 46 33.14 21.97 -3.06
N PRO A 47 34.18 21.90 -3.90
CA PRO A 47 34.13 21.09 -5.10
C PRO A 47 34.23 19.64 -4.72
N ARG A 48 33.48 18.79 -5.42
CA ARG A 48 33.55 17.34 -5.23
C ARG A 48 33.95 16.61 -6.49
N ALA A 49 34.19 17.36 -7.55
CA ALA A 49 34.83 16.86 -8.77
C ALA A 49 36.00 17.78 -9.06
N ARG A 50 37.15 17.21 -9.39
CA ARG A 50 38.36 18.01 -9.70
C ARG A 50 38.09 19.07 -10.78
N TRP A 51 37.26 18.75 -11.76
CA TRP A 51 36.88 19.71 -12.78
C TRP A 51 36.13 20.96 -12.30
N MET A 52 35.55 20.92 -11.10
CA MET A 52 34.91 22.11 -10.52
C MET A 52 35.92 23.12 -9.99
N GLU A 53 37.15 22.67 -9.76
CA GLU A 53 38.23 23.54 -9.26
C GLU A 53 38.65 24.59 -10.29
N GLN A 54 38.10 24.47 -11.50
CA GLN A 54 38.17 25.49 -12.52
C GLN A 54 37.43 26.80 -12.19
N GLU A 55 36.63 26.84 -11.12
CA GLU A 55 35.63 27.92 -10.91
C GLU A 55 36.14 29.21 -10.26
N GLY A 56 36.98 29.09 -9.25
CA GLY A 56 37.62 30.29 -8.70
C GLY A 56 36.95 30.92 -7.50
N PRO A 57 37.74 31.65 -6.69
CA PRO A 57 37.35 32.04 -5.33
C PRO A 57 36.02 32.78 -5.16
N GLU A 58 35.58 33.47 -6.20
CA GLU A 58 34.37 34.29 -6.13
C GLU A 58 33.12 33.40 -6.16
N TYR A 59 33.16 32.39 -7.00
CA TYR A 59 32.08 31.42 -7.10
C TYR A 59 31.85 30.80 -5.72
N TRP A 60 32.92 30.29 -5.14
CA TRP A 60 32.90 29.51 -3.91
C TRP A 60 32.47 30.33 -2.70
N GLU A 61 32.82 31.61 -2.74
CA GLU A 61 32.46 32.54 -1.67
C GLU A 61 30.98 32.88 -1.73
N ARG A 62 30.49 33.10 -2.93
CA ARG A 62 29.08 33.40 -3.14
C ARG A 62 28.18 32.19 -2.83
N GLU A 63 28.67 30.98 -3.14
CA GLU A 63 27.90 29.77 -2.85
C GLU A 63 27.87 29.45 -1.34
N THR A 64 28.99 29.67 -0.67
CA THR A 64 29.09 29.58 0.80
C THR A 64 28.13 30.52 1.52
N GLN A 65 28.13 31.79 1.11
CA GLN A 65 27.25 32.81 1.68
C GLN A 65 25.79 32.38 1.51
N LYS A 66 25.47 31.89 0.31
CA LYS A 66 24.09 31.50 -0.03
C LYS A 66 23.63 30.28 0.78
N ALA A 67 24.56 29.36 1.03
CA ALA A 67 24.30 28.14 1.79
C ALA A 67 24.10 28.44 3.28
N LYS A 68 24.90 29.35 3.82
CA LYS A 68 24.71 29.79 5.21
C LYS A 68 23.39 30.55 5.41
N GLY A 69 22.98 31.28 4.37
CA GLY A 69 21.67 31.92 4.28
C GLY A 69 20.52 30.93 4.27
N ASN A 70 20.65 29.85 3.50
CA ASN A 70 19.67 28.76 3.56
C ASN A 70 19.63 28.07 4.91
N GLU A 71 20.80 27.83 5.47
CA GLU A 71 20.91 27.20 6.79
C GLU A 71 20.03 27.94 7.84
N GLN A 72 20.10 29.26 7.82
CA GLN A 72 19.32 30.11 8.72
C GLN A 72 17.83 30.01 8.44
N SER A 73 17.47 30.10 7.17
CA SER A 73 16.08 29.90 6.72
C SER A 73 15.51 28.57 7.20
N PHE A 74 16.29 27.51 7.02
CA PHE A 74 15.84 26.14 7.35
C PHE A 74 15.65 25.95 8.85
N ARG A 75 16.48 26.62 9.65
CA ARG A 75 16.29 26.63 11.10
C ARG A 75 14.88 27.16 11.45
N VAL A 76 14.49 28.25 10.80
CA VAL A 76 13.16 28.82 11.00
C VAL A 76 12.08 27.87 10.52
N ASP A 77 12.29 27.31 9.34
CA ASP A 77 11.34 26.35 8.77
C ASP A 77 11.04 25.19 9.67
N LEU A 78 12.09 24.62 10.25
CA LEU A 78 11.94 23.53 11.23
C LEU A 78 11.04 23.91 12.44
N ARG A 79 11.25 25.10 12.97
CA ARG A 79 10.42 25.57 14.08
C ARG A 79 8.93 25.68 13.66
N THR A 80 8.68 26.26 12.49
CA THR A 80 7.33 26.36 11.91
C THR A 80 6.63 25.02 11.80
N LEU A 81 7.36 23.99 11.38
CA LEU A 81 6.75 22.67 11.18
C LEU A 81 6.34 22.03 12.50
N LEU A 82 7.08 22.33 13.56
CA LEU A 82 6.66 21.93 14.90
C LEU A 82 5.25 22.42 15.22
N GLY A 83 5.02 23.71 14.98
CA GLY A 83 3.68 24.31 15.12
C GLY A 83 2.61 23.62 14.30
N TYR A 84 2.86 23.50 13.00
CA TYR A 84 1.91 22.83 12.09
C TYR A 84 1.50 21.46 12.55
N TYR A 85 2.45 20.70 13.08
CA TYR A 85 2.17 19.34 13.44
C TYR A 85 1.96 19.14 14.95
N ASN A 86 1.94 20.23 15.72
CA ASN A 86 1.78 20.15 17.18
C ASN A 86 2.80 19.15 17.73
N GLN A 87 4.07 19.41 17.41
CA GLN A 87 5.19 18.55 17.77
C GLN A 87 6.07 19.25 18.80
N SER A 88 6.67 18.47 19.71
CA SER A 88 7.43 19.05 20.81
C SER A 88 8.80 19.51 20.34
N LYS A 89 9.41 20.42 21.10
CA LYS A 89 10.71 21.01 20.75
C LYS A 89 11.87 20.08 21.06
N GLY A 90 11.57 18.91 21.63
CA GLY A 90 12.58 17.97 22.09
C GLY A 90 13.07 16.95 21.06
N GLY A 91 12.29 16.70 20.02
CA GLY A 91 12.61 15.68 19.02
C GLY A 91 13.39 16.20 17.81
N SER A 92 14.08 15.28 17.15
CA SER A 92 14.76 15.56 15.90
C SER A 92 13.79 15.42 14.72
N HIS A 93 13.84 16.36 13.79
CA HIS A 93 13.04 16.28 12.58
C HIS A 93 13.88 16.63 11.39
N THR A 94 13.39 16.25 10.21
CA THR A 94 14.17 16.41 8.99
C THR A 94 13.33 17.13 7.95
N ILE A 95 13.90 18.12 7.29
CA ILE A 95 13.36 18.66 6.06
C ILE A 95 14.33 18.22 4.94
N GLN A 96 13.76 17.77 3.83
CA GLN A 96 14.54 17.45 2.63
C GLN A 96 13.93 18.10 1.40
N VAL A 97 14.80 18.50 0.49
CA VAL A 97 14.43 19.18 -0.74
C VAL A 97 15.23 18.60 -1.92
N ILE A 98 14.53 18.33 -3.01
CA ILE A 98 15.15 18.05 -4.28
C ILE A 98 14.70 19.14 -5.25
N SER A 99 15.69 19.84 -5.79
CA SER A 99 15.47 20.98 -6.67
C SER A 99 16.33 20.83 -7.90
N GLY A 100 15.77 21.00 -9.07
CA GLY A 100 16.60 20.93 -10.28
C GLY A 100 15.86 20.89 -11.61
N CYS A 101 16.68 20.76 -12.66
CA CYS A 101 16.24 20.84 -14.04
C CYS A 101 16.87 19.72 -14.87
N GLU A 102 16.04 19.18 -15.74
CA GLU A 102 16.41 18.25 -16.79
C GLU A 102 16.31 19.02 -18.12
N VAL A 103 17.36 18.94 -18.93
CA VAL A 103 17.43 19.58 -20.23
C VAL A 103 17.68 18.52 -21.29
N GLY A 104 17.37 18.84 -22.54
CA GLY A 104 17.60 17.96 -23.67
C GLY A 104 18.98 18.18 -24.28
N SER A 105 19.25 17.51 -25.40
CA SER A 105 20.51 17.70 -26.16
C SER A 105 20.63 19.12 -26.74
N ASP A 106 19.51 19.82 -26.88
CA ASP A 106 19.49 21.19 -27.41
C ASP A 106 19.70 22.25 -26.32
N GLY A 107 19.74 21.81 -25.07
CA GLY A 107 19.99 22.70 -23.96
C GLY A 107 18.74 23.32 -23.34
N ARG A 108 17.58 22.95 -23.86
CA ARG A 108 16.33 23.52 -23.38
C ARG A 108 15.72 22.65 -22.28
N LEU A 109 15.02 23.30 -21.36
CA LEU A 109 14.40 22.62 -20.23
C LEU A 109 13.38 21.56 -20.67
N LEU A 110 13.51 20.35 -20.15
CA LEU A 110 12.54 19.29 -20.38
C LEU A 110 11.60 19.18 -19.20
N ARG A 111 12.16 19.22 -17.99
CA ARG A 111 11.36 19.36 -16.77
C ARG A 111 12.14 19.94 -15.61
N GLY A 112 11.42 20.73 -14.81
CA GLY A 112 11.91 21.28 -13.54
C GLY A 112 11.15 20.67 -12.37
N TYR A 113 11.80 20.62 -11.22
CA TYR A 113 11.19 20.12 -9.98
C TYR A 113 11.70 20.87 -8.77
N GLN A 114 10.85 20.89 -7.75
CA GLN A 114 11.17 21.46 -6.46
C GLN A 114 10.23 20.75 -5.49
N GLN A 115 10.77 19.70 -4.85
CA GLN A 115 10.02 18.78 -4.02
C GLN A 115 10.51 18.90 -2.58
N TYR A 116 9.58 18.96 -1.65
CA TYR A 116 9.88 18.96 -0.22
C TYR A 116 9.31 17.75 0.48
N ALA A 117 10.04 17.33 1.52
CA ALA A 117 9.57 16.27 2.39
C ALA A 117 9.85 16.67 3.81
N TYR A 118 9.04 16.13 4.71
CA TYR A 118 9.23 16.33 6.15
C TYR A 118 9.19 14.99 6.84
N ASP A 119 10.23 14.72 7.63
CA ASP A 119 10.44 13.42 8.24
C ASP A 119 10.30 12.26 7.23
N GLY A 120 10.78 12.49 6.01
CA GLY A 120 10.87 11.42 5.01
C GLY A 120 9.62 11.18 4.16
N CYS A 121 8.61 12.01 4.34
CA CYS A 121 7.34 11.88 3.65
C CYS A 121 7.08 13.13 2.83
N ASP A 122 6.52 12.95 1.63
CA ASP A 122 6.18 14.08 0.78
C ASP A 122 5.40 15.11 1.57
N TYR A 123 5.71 16.37 1.31
CA TYR A 123 5.11 17.50 2.00
C TYR A 123 4.47 18.41 0.95
N ILE A 124 5.30 19.08 0.15
CA ILE A 124 4.83 19.87 -0.97
C ILE A 124 5.78 19.78 -2.18
N ALA A 125 5.19 19.78 -3.38
CA ALA A 125 5.95 19.68 -4.63
C ALA A 125 5.38 20.62 -5.68
N LEU A 126 6.26 21.29 -6.41
CA LEU A 126 5.87 22.09 -7.57
C LEU A 126 5.48 21.16 -8.71
N ASN A 127 4.34 21.46 -9.34
CA ASN A 127 3.82 20.63 -10.40
C ASN A 127 4.61 20.87 -11.68
N GLU A 128 4.53 19.89 -12.58
CA GLU A 128 5.17 19.94 -13.90
C GLU A 128 4.88 21.20 -14.70
N ASP A 129 3.68 21.73 -14.53
CA ASP A 129 3.32 23.00 -15.14
C ASP A 129 4.21 24.18 -14.67
N LEU A 130 4.90 23.98 -13.55
CA LEU A 130 5.74 25.02 -12.93
C LEU A 130 4.93 26.23 -12.48
N LYS A 131 3.68 25.97 -12.12
CA LYS A 131 2.72 27.02 -11.78
C LYS A 131 1.91 26.71 -10.54
N THR A 132 1.58 25.44 -10.34
CA THR A 132 0.73 25.00 -9.25
C THR A 132 1.47 24.04 -8.34
N TRP A 133 0.88 23.80 -7.16
CA TRP A 133 1.50 22.99 -6.11
C TRP A 133 0.63 21.81 -5.73
N THR A 134 1.27 20.69 -5.39
CA THR A 134 0.61 19.57 -4.74
C THR A 134 1.02 19.50 -3.27
N ALA A 135 0.05 19.73 -2.38
CA ALA A 135 0.25 19.60 -0.94
C ALA A 135 -0.15 18.20 -0.53
N ALA A 136 0.64 17.57 0.32
CA ALA A 136 0.38 16.17 0.69
C ALA A 136 -0.50 16.00 1.93
N ASP A 137 -0.67 17.06 2.72
CA ASP A 137 -1.50 17.03 3.95
C ASP A 137 -1.99 18.44 4.31
N MET A 138 -2.70 18.56 5.42
CA MET A 138 -3.27 19.84 5.82
C MET A 138 -2.17 20.85 6.12
N ALA A 139 -1.10 20.40 6.78
CA ALA A 139 -0.01 21.30 7.12
C ALA A 139 0.56 21.91 5.84
N ALA A 140 0.81 21.04 4.85
CA ALA A 140 1.31 21.50 3.53
C ALA A 140 0.40 22.51 2.83
N LEU A 141 -0.91 22.42 3.10
CA LEU A 141 -1.86 23.36 2.52
C LEU A 141 -1.63 24.77 3.04
N ILE A 142 -1.28 24.88 4.31
CA ILE A 142 -0.91 26.19 4.87
C ILE A 142 0.26 26.78 4.09
N THR A 143 1.27 25.95 3.82
CA THR A 143 2.42 26.38 3.01
C THR A 143 2.00 26.71 1.57
N LYS A 144 1.20 25.86 0.95
CA LYS A 144 0.67 26.12 -0.40
C LYS A 144 0.07 27.51 -0.54
N HIS A 145 -0.80 27.91 0.38
CA HIS A 145 -1.44 29.23 0.26
C HIS A 145 -0.49 30.39 0.51
N LYS A 146 0.41 30.22 1.48
CA LYS A 146 1.49 31.19 1.70
C LYS A 146 2.37 31.35 0.44
N TRP A 147 2.67 30.24 -0.21
CA TRP A 147 3.51 30.26 -1.40
C TRP A 147 2.81 30.81 -2.64
N GLU A 148 1.54 30.46 -2.82
CA GLU A 148 0.69 31.06 -3.87
C GLU A 148 0.62 32.56 -3.70
N GLN A 149 0.27 33.00 -2.49
CA GLN A 149 0.21 34.42 -2.18
C GLN A 149 1.53 35.15 -2.39
N ALA A 150 2.65 34.48 -2.14
CA ALA A 150 3.98 35.07 -2.31
C ALA A 150 4.59 34.91 -3.71
N GLY A 151 3.88 34.31 -4.67
CA GLY A 151 4.43 34.13 -6.02
C GLY A 151 5.65 33.22 -6.11
N GLU A 152 5.77 32.26 -5.19
CA GLU A 152 6.93 31.34 -5.16
C GLU A 152 7.09 30.52 -6.45
N ALA A 153 5.99 30.06 -7.01
CA ALA A 153 6.02 29.27 -8.26
C ALA A 153 6.55 30.07 -9.47
N GLU A 154 6.19 31.34 -9.58
CA GLU A 154 6.75 32.24 -10.60
C GLU A 154 8.27 32.31 -10.48
N ARG A 155 8.74 32.49 -9.26
CA ARG A 155 10.16 32.57 -8.90
C ARG A 155 10.91 31.33 -9.36
N LEU A 156 10.40 30.18 -8.95
CA LEU A 156 10.94 28.89 -9.32
C LEU A 156 10.97 28.63 -10.83
N ARG A 157 9.89 29.00 -11.52
CA ARG A 157 9.83 28.81 -12.98
C ARG A 157 10.96 29.58 -13.64
N ALA A 158 11.13 30.84 -13.25
CA ALA A 158 12.22 31.68 -13.76
C ALA A 158 13.60 31.06 -13.49
N TYR A 159 13.86 30.61 -12.26
CA TYR A 159 15.12 29.94 -11.91
C TYR A 159 15.32 28.68 -12.73
N LEU A 160 14.32 27.82 -12.76
CA LEU A 160 14.40 26.53 -13.44
C LEU A 160 14.62 26.65 -14.96
N GLU A 161 13.82 27.50 -15.60
CA GLU A 161 13.94 27.74 -17.04
C GLU A 161 15.21 28.49 -17.47
N GLY A 162 15.74 29.35 -16.61
CA GLY A 162 16.90 30.18 -16.97
C GLY A 162 18.17 29.86 -16.20
N THR A 163 18.28 30.45 -15.02
CA THR A 163 19.43 30.30 -14.12
C THR A 163 19.95 28.87 -14.04
N CYS A 164 19.09 27.95 -13.62
CA CYS A 164 19.48 26.56 -13.47
C CYS A 164 20.02 26.01 -14.79
N VAL A 165 19.28 26.24 -15.86
CA VAL A 165 19.66 25.74 -17.17
C VAL A 165 21.00 26.34 -17.63
N GLU A 166 21.20 27.62 -17.38
CA GLU A 166 22.45 28.30 -17.76
C GLU A 166 23.62 27.80 -16.96
N TRP A 167 23.42 27.54 -15.67
CA TRP A 167 24.50 26.99 -14.87
C TRP A 167 24.84 25.55 -15.30
N LEU A 168 23.83 24.75 -15.58
CA LEU A 168 24.06 23.40 -16.12
C LEU A 168 24.98 23.43 -17.34
N ARG A 169 24.70 24.34 -18.28
CA ARG A 169 25.58 24.56 -19.44
C ARG A 169 27.03 24.79 -19.08
N ARG A 170 27.24 25.70 -18.13
CA ARG A 170 28.56 26.09 -17.69
C ARG A 170 29.32 24.92 -17.06
N TYR A 171 28.65 24.17 -16.18
CA TYR A 171 29.30 23.06 -15.48
C TYR A 171 29.62 21.94 -16.46
N LEU A 172 28.65 21.59 -17.31
CA LEU A 172 28.87 20.62 -18.37
C LEU A 172 30.12 21.00 -19.16
N LYS A 173 30.29 22.29 -19.41
CA LYS A 173 31.46 22.76 -20.15
C LYS A 173 32.75 22.25 -19.55
N ASN A 174 32.89 22.36 -18.23
CA ASN A 174 34.11 21.93 -17.55
C ASN A 174 34.12 20.44 -17.18
N GLY A 175 32.94 19.82 -17.07
CA GLY A 175 32.87 18.41 -16.65
C GLY A 175 32.54 17.37 -17.70
N ASN A 176 32.10 17.81 -18.88
CA ASN A 176 31.55 16.90 -19.89
C ASN A 176 32.48 15.73 -20.30
N ALA A 177 33.78 16.01 -20.46
CA ALA A 177 34.75 14.96 -20.71
C ALA A 177 34.79 13.92 -19.58
N THR A 178 34.87 14.38 -18.34
CA THR A 178 34.91 13.51 -17.18
C THR A 178 33.57 12.81 -16.99
N LEU A 179 32.48 13.52 -17.24
CA LEU A 179 31.13 12.96 -17.09
C LEU A 179 30.88 11.79 -18.06
N LEU A 180 31.43 11.89 -19.27
CA LEU A 180 31.20 10.91 -20.33
C LEU A 180 31.89 9.59 -20.08
N ARG A 181 32.75 9.53 -19.07
CA ARG A 181 33.46 8.31 -18.74
C ARG A 181 32.54 7.12 -18.53
N THR A 182 33.07 5.97 -18.89
CA THR A 182 32.31 4.75 -18.90
C THR A 182 33.35 3.63 -18.62
N ASP A 183 33.02 2.73 -17.68
CA ASP A 183 33.83 1.54 -17.42
C ASP A 183 32.91 0.35 -17.69
N SER A 184 33.30 -0.50 -18.62
CA SER A 184 32.48 -1.67 -18.94
C SER A 184 32.60 -2.73 -17.86
N PRO A 185 31.54 -3.50 -17.67
CA PRO A 185 31.59 -4.62 -16.76
C PRO A 185 32.56 -5.68 -17.25
N LYS A 186 33.22 -6.34 -16.31
CA LYS A 186 33.84 -7.60 -16.54
C LYS A 186 32.99 -8.61 -15.75
N ALA A 187 32.62 -9.68 -16.44
CA ALA A 187 31.69 -10.65 -15.93
C ALA A 187 32.31 -12.05 -15.87
N HIS A 188 31.78 -12.89 -14.98
CA HIS A 188 32.15 -14.30 -14.88
C HIS A 188 31.04 -15.08 -14.17
N VAL A 189 31.00 -16.39 -14.39
CA VAL A 189 29.99 -17.20 -13.76
C VAL A 189 30.60 -18.10 -12.69
N THR A 190 30.04 -18.07 -11.49
CA THR A 190 30.37 -19.03 -10.45
C THR A 190 29.32 -20.13 -10.30
N HIS A 191 29.77 -21.24 -9.69
CA HIS A 191 29.00 -22.47 -9.58
C HIS A 191 28.92 -22.88 -8.10
N HIS A 192 27.73 -23.13 -7.56
CA HIS A 192 27.57 -23.44 -6.13
C HIS A 192 26.54 -24.54 -5.94
N SER A 193 26.66 -25.27 -4.83
CA SER A 193 25.79 -26.42 -4.55
C SER A 193 24.40 -26.04 -4.04
N ARG A 194 23.40 -26.86 -4.39
CA ARG A 194 22.05 -26.75 -3.80
C ARG A 194 21.67 -28.15 -3.34
N PRO A 195 20.62 -28.30 -2.52
CA PRO A 195 20.21 -29.64 -2.09
C PRO A 195 19.83 -30.57 -3.24
N GLU A 196 20.01 -31.87 -2.99
CA GLU A 196 19.69 -32.91 -3.96
C GLU A 196 20.38 -32.59 -5.31
N ASP A 197 19.61 -32.57 -6.40
CA ASP A 197 20.18 -32.61 -7.75
C ASP A 197 20.11 -31.26 -8.48
N LYS A 198 20.38 -30.19 -7.73
CA LYS A 198 20.30 -28.83 -8.25
C LYS A 198 21.57 -28.07 -7.93
N VAL A 199 21.89 -27.08 -8.75
CA VAL A 199 23.06 -26.19 -8.50
C VAL A 199 22.67 -24.74 -8.78
N THR A 200 23.51 -23.82 -8.29
CA THR A 200 23.34 -22.39 -8.53
C THR A 200 24.41 -21.88 -9.46
N LEU A 201 23.99 -21.20 -10.53
CA LEU A 201 24.84 -20.42 -11.40
C LEU A 201 24.62 -18.96 -11.07
N ARG A 202 25.70 -18.27 -10.76
CA ARG A 202 25.72 -16.86 -10.37
C ARG A 202 26.58 -16.11 -11.35
N CYS A 203 25.96 -15.17 -12.06
CA CYS A 203 26.64 -14.32 -13.01
C CYS A 203 27.00 -13.00 -12.36
N TRP A 204 28.29 -12.69 -12.30
CA TRP A 204 28.82 -11.47 -11.68
C TRP A 204 29.23 -10.49 -12.76
N ALA A 205 28.92 -9.22 -12.52
CA ALA A 205 29.42 -8.10 -13.32
C ALA A 205 30.12 -7.16 -12.36
N LEU A 206 31.38 -6.88 -12.65
CA LEU A 206 32.24 -6.09 -11.76
C LEU A 206 32.96 -4.98 -12.51
N GLY A 207 33.31 -3.95 -11.78
CA GLY A 207 34.16 -2.89 -12.30
C GLY A 207 33.50 -1.90 -13.24
N PHE A 208 32.18 -1.82 -13.23
CA PHE A 208 31.48 -1.01 -14.23
C PHE A 208 31.04 0.36 -13.72
N TYR A 209 30.85 1.27 -14.66
CA TYR A 209 30.42 2.65 -14.36
C TYR A 209 29.87 3.21 -15.68
N PRO A 210 28.70 3.83 -15.70
CA PRO A 210 27.85 4.13 -14.52
C PRO A 210 27.13 2.89 -14.01
N ALA A 211 26.31 3.07 -12.97
CA ALA A 211 25.68 1.95 -12.26
C ALA A 211 24.62 1.18 -13.05
N ASP A 212 23.97 1.85 -14.02
CA ASP A 212 22.86 1.25 -14.74
C ASP A 212 23.38 0.03 -15.51
N ILE A 213 22.74 -1.11 -15.26
CA ILE A 213 23.15 -2.38 -15.86
C ILE A 213 21.95 -3.36 -15.82
N THR A 214 21.95 -4.32 -16.74
CA THR A 214 20.97 -5.40 -16.75
C THR A 214 21.72 -6.74 -16.91
N LEU A 215 21.35 -7.70 -16.09
CA LEU A 215 21.81 -9.08 -16.19
C LEU A 215 20.60 -9.96 -16.43
N THR A 216 20.68 -10.87 -17.39
CA THR A 216 19.57 -11.82 -17.64
C THR A 216 20.14 -13.21 -17.78
N TRP A 217 19.36 -14.22 -17.39
CA TRP A 217 19.67 -15.60 -17.67
C TRP A 217 18.69 -16.14 -18.71
N GLN A 218 19.19 -16.98 -19.61
CA GLN A 218 18.36 -17.60 -20.63
C GLN A 218 18.53 -19.11 -20.64
N LEU A 219 17.41 -19.82 -20.74
CA LEU A 219 17.45 -21.26 -21.03
C LEU A 219 17.33 -21.45 -22.53
N ASN A 220 18.40 -21.94 -23.15
CA ASN A 220 18.38 -22.34 -24.56
C ASN A 220 18.18 -21.19 -25.58
N GLY A 221 18.03 -19.94 -25.12
CA GLY A 221 17.36 -18.88 -25.91
C GLY A 221 15.89 -18.75 -25.48
N GLU A 222 15.67 -18.06 -24.37
CA GLU A 222 14.38 -17.92 -23.68
C GLU A 222 14.69 -17.48 -22.25
N GLU A 223 14.09 -16.38 -21.78
CA GLU A 223 14.50 -15.75 -20.53
C GLU A 223 13.89 -16.35 -19.27
N LEU A 224 14.73 -16.56 -18.27
CA LEU A 224 14.29 -17.04 -16.97
C LEU A 224 13.82 -15.86 -16.15
N ILE A 225 12.59 -15.41 -16.42
CA ILE A 225 11.98 -14.30 -15.71
C ILE A 225 11.45 -14.80 -14.37
N GLN A 226 10.62 -15.85 -14.42
CA GLN A 226 9.87 -16.35 -13.26
C GLN A 226 10.63 -16.19 -11.93
N ASP A 227 11.90 -16.60 -11.89
CA ASP A 227 12.66 -16.59 -10.64
C ASP A 227 14.18 -16.68 -10.78
N MET A 228 14.81 -15.57 -11.09
CA MET A 228 16.24 -15.46 -10.86
C MET A 228 16.41 -14.61 -9.59
N GLU A 229 17.44 -14.91 -8.83
CA GLU A 229 17.78 -14.10 -7.66
C GLU A 229 18.81 -13.05 -8.10
N LEU A 230 18.75 -11.87 -7.49
CA LEU A 230 19.73 -10.83 -7.75
C LEU A 230 20.00 -9.97 -6.51
N VAL A 231 21.03 -9.15 -6.60
CA VAL A 231 21.29 -8.16 -5.59
C VAL A 231 21.07 -6.77 -6.22
N GLU A 232 20.71 -5.81 -5.39
CA GLU A 232 20.68 -4.42 -5.86
C GLU A 232 22.11 -4.07 -6.24
N THR A 233 22.24 -3.30 -7.29
CA THR A 233 23.54 -2.78 -7.72
C THR A 233 24.19 -1.99 -6.60
N ARG A 234 25.49 -2.19 -6.40
CA ARG A 234 26.15 -1.71 -5.21
C ARG A 234 27.55 -1.14 -5.51
N PRO A 235 27.98 -0.10 -4.76
CA PRO A 235 29.32 0.47 -4.96
C PRO A 235 30.48 -0.44 -4.50
N ALA A 236 31.51 -0.57 -5.33
CA ALA A 236 32.70 -1.33 -4.93
C ALA A 236 33.56 -0.50 -3.95
N GLY A 237 33.35 0.81 -3.94
CA GLY A 237 34.03 1.71 -3.03
C GLY A 237 35.10 2.53 -3.73
N ASP A 238 35.35 2.21 -5.00
CA ASP A 238 36.36 2.86 -5.81
C ASP A 238 35.80 3.62 -7.02
N GLY A 239 34.52 3.96 -7.00
CA GLY A 239 33.87 4.65 -8.10
C GLY A 239 33.12 3.74 -9.08
N THR A 240 33.39 2.44 -9.03
CA THR A 240 32.68 1.46 -9.86
C THR A 240 31.62 0.65 -9.07
N PHE A 241 30.86 -0.15 -9.80
CA PHE A 241 29.72 -0.83 -9.25
C PHE A 241 29.77 -2.33 -9.51
N GLN A 242 28.95 -3.05 -8.74
CA GLN A 242 28.83 -4.51 -8.79
C GLN A 242 27.38 -4.89 -8.86
N LYS A 243 27.12 -6.00 -9.56
CA LYS A 243 25.83 -6.67 -9.49
C LYS A 243 26.01 -8.17 -9.77
N TRP A 244 25.08 -8.95 -9.28
CA TRP A 244 25.01 -10.34 -9.74
C TRP A 244 23.59 -10.79 -9.86
N ALA A 245 23.41 -11.89 -10.60
CA ALA A 245 22.13 -12.48 -10.82
C ALA A 245 22.37 -13.99 -10.89
N SER A 246 21.52 -14.77 -10.25
CA SER A 246 21.66 -16.23 -10.18
C SER A 246 20.39 -16.97 -10.50
N VAL A 247 20.56 -18.22 -10.92
CA VAL A 247 19.47 -19.15 -11.18
C VAL A 247 19.79 -20.54 -10.62
N VAL A 248 18.76 -21.31 -10.28
CA VAL A 248 18.96 -22.68 -9.78
C VAL A 248 18.57 -23.60 -10.92
N VAL A 249 19.47 -24.50 -11.30
CA VAL A 249 19.31 -25.34 -12.50
C VAL A 249 19.59 -26.79 -12.13
N PRO A 250 19.14 -27.72 -12.95
CA PRO A 250 19.47 -29.15 -12.71
C PRO A 250 20.95 -29.46 -12.80
N LEU A 251 21.41 -30.30 -11.88
CA LEU A 251 22.76 -30.85 -11.95
C LEU A 251 22.91 -31.50 -13.30
N GLY A 252 23.99 -31.22 -14.01
CA GLY A 252 24.13 -31.76 -15.36
C GLY A 252 23.65 -30.90 -16.51
N LYS A 253 22.80 -29.89 -16.24
CA LYS A 253 22.25 -29.04 -17.31
C LYS A 253 22.89 -27.62 -17.38
N GLU A 254 24.01 -27.41 -16.71
CA GLU A 254 24.60 -26.07 -16.60
C GLU A 254 24.88 -25.42 -17.97
N GLN A 255 25.28 -26.24 -18.94
CA GLN A 255 25.57 -25.76 -20.29
C GLN A 255 24.34 -25.41 -21.11
N TYR A 256 23.14 -25.57 -20.56
CA TYR A 256 21.91 -25.18 -21.24
C TYR A 256 21.58 -23.69 -21.00
N TYR A 257 22.35 -23.01 -20.16
CA TYR A 257 22.03 -21.63 -19.71
C TYR A 257 23.11 -20.65 -20.13
N THR A 258 22.69 -19.45 -20.50
CA THR A 258 23.64 -18.35 -20.70
C THR A 258 23.21 -17.11 -19.95
N CYS A 259 24.21 -16.33 -19.54
CA CYS A 259 23.98 -15.05 -18.88
C CYS A 259 24.30 -13.96 -19.89
N HIS A 260 23.45 -12.95 -19.93
CA HIS A 260 23.71 -11.78 -20.75
C HIS A 260 23.84 -10.52 -19.90
N VAL A 261 24.82 -9.69 -20.25
CA VAL A 261 25.14 -8.47 -19.52
C VAL A 261 25.01 -7.27 -20.48
N TYR A 262 24.15 -6.34 -20.13
CA TYR A 262 23.84 -5.15 -20.94
C TYR A 262 24.30 -3.88 -20.21
N HIS A 263 25.23 -3.14 -20.83
CA HIS A 263 25.80 -1.88 -20.25
C HIS A 263 26.22 -0.86 -21.34
N GLN A 264 26.05 0.44 -21.09
CA GLN A 264 26.42 1.51 -22.03
C GLN A 264 27.83 1.40 -22.56
N GLY A 265 28.71 0.88 -21.71
CA GLY A 265 30.13 0.88 -21.99
C GLY A 265 30.49 -0.15 -23.01
N LEU A 266 29.66 -1.17 -23.15
CA LEU A 266 29.99 -2.29 -24.00
C LEU A 266 29.73 -1.99 -25.49
N PRO A 267 30.70 -2.33 -26.35
CA PRO A 267 30.46 -2.33 -27.80
C PRO A 267 29.24 -3.15 -28.17
N GLU A 268 29.07 -4.28 -27.49
CA GLU A 268 27.87 -5.11 -27.62
C GLU A 268 27.70 -5.91 -26.31
N PRO A 269 26.50 -6.46 -26.08
CA PRO A 269 26.25 -7.22 -24.86
C PRO A 269 27.15 -8.46 -24.74
N LEU A 270 27.48 -8.81 -23.50
CA LEU A 270 28.31 -9.98 -23.20
C LEU A 270 27.41 -11.17 -23.09
N THR A 271 27.90 -12.32 -23.51
CA THR A 271 27.19 -13.59 -23.36
C THR A 271 28.17 -14.53 -22.66
N LEU A 272 27.79 -15.08 -21.52
CA LEU A 272 28.63 -15.99 -20.74
C LEU A 272 27.94 -17.29 -20.42
N ARG A 273 28.76 -18.27 -20.12
CA ARG A 273 28.28 -19.48 -19.48
C ARG A 273 29.27 -19.97 -18.45
N TRP A 274 28.80 -20.96 -17.69
CA TRP A 274 29.63 -21.69 -16.74
C TRP A 274 30.81 -22.40 -17.45
N GLU A 275 32.02 -22.16 -16.97
CA GLU A 275 33.27 -22.78 -17.49
C GLU A 275 33.03 -24.20 -17.98
N ILE B 1 6.08 6.56 9.82
CA ILE B 1 6.99 7.43 9.01
C ILE B 1 8.34 6.77 8.71
N GLN B 2 8.92 6.05 9.70
CA GLN B 2 10.32 5.61 9.63
C GLN B 2 10.58 4.47 8.65
N LYS B 3 11.74 4.51 8.01
CA LYS B 3 12.12 3.51 7.01
C LYS B 3 13.24 2.62 7.56
N THR B 4 13.05 1.31 7.43
CA THR B 4 13.99 0.27 7.86
C THR B 4 15.19 0.08 6.90
N PRO B 5 16.41 0.08 7.42
CA PRO B 5 17.59 -0.11 6.59
C PRO B 5 17.69 -1.48 5.89
N GLN B 6 18.19 -1.46 4.65
CA GLN B 6 18.61 -2.67 3.94
C GLN B 6 20.13 -2.67 3.93
N ILE B 7 20.72 -3.85 3.99
CA ILE B 7 22.15 -3.99 4.20
C ILE B 7 22.70 -5.02 3.24
N GLN B 8 23.84 -4.70 2.62
CA GLN B 8 24.63 -5.69 1.88
C GLN B 8 26.02 -5.67 2.42
N VAL B 9 26.59 -6.85 2.67
CA VAL B 9 27.98 -7.00 3.10
C VAL B 9 28.72 -7.80 2.03
N TYR B 10 29.84 -7.26 1.58
CA TYR B 10 30.52 -7.79 0.39
C TYR B 10 31.88 -7.15 0.24
N SER B 11 32.79 -7.87 -0.42
CA SER B 11 34.14 -7.36 -0.63
C SER B 11 34.23 -6.57 -1.95
N ARG B 12 35.18 -5.64 -1.97
CA ARG B 12 35.46 -4.81 -3.13
C ARG B 12 35.96 -5.65 -4.33
N HIS B 13 36.85 -6.59 -4.04
CA HIS B 13 37.39 -7.48 -5.06
C HIS B 13 37.00 -8.90 -4.68
N PRO B 14 37.05 -9.84 -5.63
CA PRO B 14 36.75 -11.23 -5.30
C PRO B 14 37.75 -11.70 -4.23
N PRO B 15 37.25 -12.36 -3.18
CA PRO B 15 38.08 -12.67 -2.03
C PRO B 15 39.04 -13.81 -2.33
N GLU B 16 40.29 -13.65 -1.92
CA GLU B 16 41.30 -14.70 -1.99
C GLU B 16 41.88 -14.85 -0.62
N ASN B 17 41.81 -16.04 -0.04
CA ASN B 17 42.37 -16.25 1.28
C ASN B 17 43.82 -15.75 1.27
N GLY B 18 44.19 -14.98 2.29
CA GLY B 18 45.52 -14.42 2.41
C GLY B 18 45.79 -13.14 1.61
N LYS B 19 44.85 -12.68 0.80
CA LYS B 19 45.06 -11.44 0.05
C LYS B 19 44.31 -10.24 0.70
N PRO B 20 45.02 -9.13 0.93
CA PRO B 20 44.36 -7.91 1.40
C PRO B 20 43.25 -7.43 0.46
N ASN B 21 42.20 -6.89 1.06
CA ASN B 21 40.97 -6.57 0.33
C ASN B 21 40.21 -5.55 1.17
N ILE B 22 39.02 -5.15 0.71
CA ILE B 22 38.20 -4.18 1.44
C ILE B 22 36.86 -4.83 1.63
N LEU B 23 36.33 -4.75 2.84
CA LEU B 23 35.00 -5.24 3.12
C LEU B 23 34.07 -4.08 3.27
N ASN B 24 32.97 -4.18 2.52
CA ASN B 24 31.94 -3.17 2.43
C ASN B 24 30.68 -3.56 3.19
N CYS B 25 30.09 -2.55 3.80
CA CYS B 25 28.73 -2.65 4.34
C CYS B 25 27.91 -1.48 3.80
N TYR B 26 26.99 -1.79 2.88
CA TYR B 26 26.25 -0.79 2.15
C TYR B 26 24.89 -0.75 2.75
N VAL B 27 24.52 0.40 3.34
CA VAL B 27 23.24 0.51 4.06
C VAL B 27 22.35 1.55 3.38
N THR B 28 21.13 1.15 3.04
CA THR B 28 20.23 1.95 2.26
C THR B 28 18.83 1.91 2.85
N GLN B 29 17.98 2.77 2.29
CA GLN B 29 16.54 2.80 2.53
C GLN B 29 16.20 3.15 3.96
N PHE B 30 17.04 3.94 4.65
CA PHE B 30 16.73 4.30 6.01
C PHE B 30 16.33 5.78 6.22
N HIS B 31 15.51 5.99 7.23
CA HIS B 31 15.08 7.33 7.64
C HIS B 31 14.54 7.17 9.05
N PRO B 32 14.99 7.94 10.05
CA PRO B 32 15.83 9.14 9.94
C PRO B 32 17.30 8.91 9.62
N PRO B 33 18.02 9.98 9.30
CA PRO B 33 19.43 9.84 8.92
C PRO B 33 20.37 9.29 10.00
N HIS B 34 20.06 9.51 11.28
CA HIS B 34 20.91 8.95 12.32
C HIS B 34 20.94 7.43 12.27
N ILE B 35 22.14 6.86 12.23
CA ILE B 35 22.33 5.42 12.17
C ILE B 35 23.68 5.07 12.79
N GLU B 36 23.79 3.87 13.37
CA GLU B 36 25.05 3.44 13.95
C GLU B 36 25.44 2.13 13.28
N ILE B 37 26.61 2.11 12.68
CA ILE B 37 27.07 0.96 11.91
C ILE B 37 28.37 0.47 12.52
N GLN B 38 28.44 -0.83 12.81
CA GLN B 38 29.68 -1.46 13.22
C GLN B 38 29.98 -2.63 12.29
N MET B 39 31.24 -2.89 12.05
CA MET B 39 31.64 -4.11 11.38
C MET B 39 32.27 -5.01 12.41
N LEU B 40 32.11 -6.33 12.25
CA LEU B 40 32.55 -7.32 13.24
C LEU B 40 33.38 -8.44 12.62
N LYS B 41 34.44 -8.83 13.31
CA LYS B 41 35.27 -9.99 12.94
C LYS B 41 35.20 -10.99 14.09
N ASN B 42 34.73 -12.20 13.76
CA ASN B 42 34.51 -13.26 14.73
C ASN B 42 33.84 -12.80 16.00
N GLY B 43 32.80 -11.99 15.85
CA GLY B 43 32.04 -11.51 16.98
C GLY B 43 32.54 -10.20 17.59
N LYS B 44 33.72 -9.71 17.22
CA LYS B 44 34.30 -8.52 17.86
C LYS B 44 34.33 -7.31 16.94
N LYS B 45 33.87 -6.17 17.46
CA LYS B 45 33.93 -4.89 16.75
C LYS B 45 35.32 -4.65 16.15
N ILE B 46 35.33 -4.25 14.88
CA ILE B 46 36.53 -3.88 14.17
C ILE B 46 36.71 -2.38 14.44
N PRO B 47 37.87 -1.97 14.92
CA PRO B 47 38.05 -0.58 15.34
C PRO B 47 38.12 0.43 14.18
N LYS B 48 38.92 0.18 13.18
CA LYS B 48 39.09 1.11 12.06
C LYS B 48 38.12 0.85 10.88
N VAL B 49 36.90 1.37 11.01
CA VAL B 49 35.89 1.33 9.96
C VAL B 49 35.59 2.75 9.48
N GLU B 50 35.75 2.96 8.18
CA GLU B 50 35.43 4.26 7.57
C GLU B 50 34.02 4.31 6.98
N MET B 51 33.49 5.52 6.95
CA MET B 51 32.13 5.80 6.52
C MET B 51 32.19 6.81 5.41
N SER B 52 31.48 6.53 4.31
CA SER B 52 31.24 7.54 3.29
C SER B 52 30.39 8.67 3.85
N ASP B 53 30.40 9.82 3.17
CA ASP B 53 29.44 10.85 3.48
C ASP B 53 28.05 10.29 3.22
N MET B 54 27.06 10.85 3.89
CA MET B 54 25.70 10.36 3.74
C MET B 54 25.02 11.11 2.62
N SER B 55 24.21 10.38 1.87
CA SER B 55 23.46 10.95 0.78
C SER B 55 22.03 10.44 0.95
N PHE B 56 21.12 10.96 0.17
CA PHE B 56 19.76 10.44 0.09
C PHE B 56 19.29 10.33 -1.35
N SER B 57 18.27 9.48 -1.51
CA SER B 57 17.68 9.11 -2.80
C SER B 57 16.36 9.80 -3.07
N LYS B 58 15.86 9.65 -4.30
CA LYS B 58 14.68 10.36 -4.74
C LYS B 58 13.47 9.96 -3.90
N ASP B 59 13.59 8.76 -3.32
CA ASP B 59 12.80 8.19 -2.21
C ASP B 59 12.66 8.94 -0.90
N TRP B 60 13.65 9.80 -0.66
CA TRP B 60 13.91 10.49 0.60
C TRP B 60 14.76 9.65 1.54
N SER B 61 14.93 8.37 1.25
CA SER B 61 15.71 7.53 2.12
C SER B 61 17.23 7.75 1.96
N PHE B 62 17.95 7.57 3.07
CA PHE B 62 19.39 7.75 3.14
C PHE B 62 20.15 6.47 2.79
N TYR B 63 21.40 6.65 2.42
CA TYR B 63 22.31 5.57 2.16
C TYR B 63 23.72 5.99 2.49
N ILE B 64 24.54 4.98 2.80
CA ILE B 64 25.92 5.19 3.24
C ILE B 64 26.72 3.89 3.06
N LEU B 65 28.02 4.04 2.78
CA LEU B 65 28.94 2.92 2.64
C LEU B 65 29.93 2.96 3.78
N ALA B 66 29.90 1.90 4.59
CA ALA B 66 30.98 1.64 5.55
C ALA B 66 31.95 0.64 4.94
N HIS B 67 33.22 0.80 5.27
CA HIS B 67 34.23 -0.09 4.70
C HIS B 67 35.45 -0.19 5.62
N THR B 68 36.15 -1.32 5.50
CA THR B 68 37.32 -1.57 6.31
C THR B 68 38.25 -2.51 5.56
N GLU B 69 39.55 -2.36 5.80
CA GLU B 69 40.57 -3.29 5.27
C GLU B 69 40.41 -4.66 5.95
N PHE B 70 40.55 -5.73 5.18
CA PHE B 70 40.53 -7.06 5.74
C PHE B 70 41.31 -8.00 4.81
N THR B 71 41.83 -9.07 5.40
CA THR B 71 42.46 -10.12 4.62
C THR B 71 41.70 -11.39 4.96
N PRO B 72 40.84 -11.86 4.04
CA PRO B 72 39.97 -12.99 4.31
C PRO B 72 40.74 -14.28 4.49
N THR B 73 40.23 -15.16 5.34
CA THR B 73 40.78 -16.52 5.47
C THR B 73 39.65 -17.52 5.32
N GLU B 74 40.02 -18.79 5.27
CA GLU B 74 39.04 -19.87 5.24
C GLU B 74 37.96 -19.82 6.37
N THR B 75 38.37 -19.48 7.58
CA THR B 75 37.49 -19.66 8.74
C THR B 75 37.06 -18.38 9.49
N ASP B 76 37.68 -17.24 9.21
CA ASP B 76 37.19 -15.98 9.79
C ASP B 76 35.81 -15.53 9.28
N THR B 77 35.01 -15.05 10.22
CA THR B 77 33.64 -14.66 10.00
C THR B 77 33.55 -13.14 10.11
N TYR B 78 32.84 -12.52 9.17
CA TYR B 78 32.64 -11.07 9.21
C TYR B 78 31.18 -10.76 9.14
N ALA B 79 30.80 -9.67 9.78
CA ALA B 79 29.46 -9.21 9.79
C ALA B 79 29.41 -7.69 9.87
N CYS B 80 28.23 -7.16 9.59
CA CYS B 80 27.95 -5.74 9.74
C CYS B 80 26.69 -5.64 10.57
N ARG B 81 26.75 -4.80 11.62
CA ARG B 81 25.64 -4.60 12.52
C ARG B 81 25.23 -3.15 12.50
N VAL B 82 23.93 -2.94 12.36
CA VAL B 82 23.33 -1.67 12.16
C VAL B 82 22.23 -1.44 13.19
N LYS B 83 22.38 -0.36 13.93
CA LYS B 83 21.40 0.07 14.90
C LYS B 83 20.70 1.31 14.35
N HIS B 84 19.37 1.27 14.33
CA HIS B 84 18.59 2.36 13.77
C HIS B 84 17.22 2.32 14.44
N ASP B 85 16.60 3.47 14.61
CA ASP B 85 15.34 3.59 15.39
C ASP B 85 14.14 2.89 14.80
N SER B 86 14.14 2.70 13.49
CA SER B 86 13.10 1.92 12.80
C SER B 86 13.04 0.45 13.27
N MET B 87 14.07 -0.03 13.96
CA MET B 87 14.15 -1.42 14.39
C MET B 87 14.23 -1.49 15.90
N ALA B 88 13.56 -2.50 16.47
CA ALA B 88 13.59 -2.73 17.94
C ALA B 88 14.97 -3.15 18.37
N GLU B 89 15.63 -3.89 17.49
CA GLU B 89 16.92 -4.48 17.79
C GLU B 89 17.90 -4.20 16.65
N PRO B 90 19.21 -4.18 16.91
CA PRO B 90 20.19 -4.06 15.84
C PRO B 90 20.16 -5.27 14.92
N LYS B 91 20.32 -5.01 13.63
CA LYS B 91 20.31 -6.03 12.59
C LYS B 91 21.74 -6.36 12.22
N THR B 92 22.10 -7.65 12.33
CA THR B 92 23.40 -8.14 11.90
C THR B 92 23.30 -8.95 10.58
N VAL B 93 24.16 -8.64 9.63
CA VAL B 93 24.20 -9.34 8.34
C VAL B 93 25.63 -9.88 8.20
N TYR B 94 25.72 -11.16 7.87
CA TYR B 94 27.00 -11.83 7.73
C TYR B 94 27.52 -11.80 6.29
N TRP B 95 28.83 -11.66 6.19
CA TRP B 95 29.51 -11.78 4.92
C TRP B 95 29.43 -13.23 4.39
N ASP B 96 28.94 -13.36 3.17
CA ASP B 96 28.99 -14.60 2.42
C ASP B 96 29.87 -14.35 1.22
N ARG B 97 30.99 -15.03 1.16
CA ARG B 97 31.94 -14.79 0.08
C ARG B 97 31.39 -15.19 -1.30
N ASP B 98 30.29 -15.95 -1.36
CA ASP B 98 29.64 -16.25 -2.64
C ASP B 98 28.56 -15.22 -3.02
N MET B 99 28.38 -14.16 -2.24
CA MET B 99 27.32 -13.20 -2.53
C MET B 99 27.79 -11.75 -2.48
N GLY C 1 -19.96 -0.49 -19.05
CA GLY C 1 -21.24 -1.07 -18.51
C GLY C 1 -21.81 -0.15 -17.43
N PRO C 2 -22.85 -0.61 -16.74
CA PRO C 2 -23.46 0.17 -15.65
C PRO C 2 -22.58 0.27 -14.39
N HIS C 3 -22.76 1.34 -13.62
CA HIS C 3 -21.98 1.52 -12.40
C HIS C 3 -22.82 2.10 -11.28
N SER C 4 -22.33 2.01 -10.03
CA SER C 4 -23.06 2.58 -8.89
C SER C 4 -22.13 3.18 -7.84
N LEU C 5 -22.64 4.21 -7.17
CA LEU C 5 -21.99 4.83 -6.03
C LEU C 5 -23.03 4.77 -4.91
N ARG C 6 -22.69 4.08 -3.82
CA ARG C 6 -23.61 3.93 -2.68
C ARG C 6 -22.90 4.17 -1.38
N TYR C 7 -23.60 4.82 -0.46
CA TYR C 7 -23.15 4.98 0.90
C TYR C 7 -24.08 4.26 1.89
N PHE C 8 -23.47 3.45 2.75
CA PHE C 8 -24.17 2.69 3.79
C PHE C 8 -23.79 3.30 5.14
N VAL C 9 -24.78 3.84 5.85
CA VAL C 9 -24.59 4.60 7.09
C VAL C 9 -25.30 3.87 8.21
N THR C 10 -24.61 3.79 9.36
CA THR C 10 -25.14 3.20 10.56
C THR C 10 -24.90 4.13 11.75
N ALA C 11 -25.97 4.36 12.52
CA ALA C 11 -25.93 5.10 13.78
C ALA C 11 -26.57 4.22 14.83
N VAL C 12 -25.81 3.96 15.90
CA VAL C 12 -26.19 3.04 16.98
C VAL C 12 -26.05 3.74 18.35
N SER C 13 -27.16 3.94 19.04
CA SER C 13 -27.09 4.48 20.40
C SER C 13 -26.63 3.39 21.37
N ARG C 14 -25.97 3.82 22.45
CA ARG C 14 -25.54 2.87 23.47
C ARG C 14 -25.57 3.59 24.81
N PRO C 15 -26.80 3.84 25.29
CA PRO C 15 -27.05 4.69 26.47
C PRO C 15 -26.23 4.36 27.68
N GLY C 16 -25.80 5.42 28.37
CA GLY C 16 -24.84 5.31 29.47
C GLY C 16 -23.47 4.71 29.15
N LEU C 17 -23.22 4.31 27.89
CA LEU C 17 -21.91 3.72 27.50
C LEU C 17 -21.11 4.54 26.50
N GLY C 18 -21.50 5.79 26.31
CA GLY C 18 -20.76 6.64 25.43
C GLY C 18 -21.70 7.22 24.42
N GLU C 19 -21.12 8.00 23.53
CA GLU C 19 -21.88 8.66 22.48
C GLU C 19 -22.30 7.62 21.46
N PRO C 20 -23.30 7.90 20.65
CA PRO C 20 -23.68 6.96 19.63
C PRO C 20 -22.51 6.68 18.66
N ARG C 21 -22.43 5.46 18.14
CA ARG C 21 -21.43 5.16 17.14
C ARG C 21 -22.02 5.47 15.78
N TYR C 22 -21.26 6.21 14.96
CA TYR C 22 -21.64 6.61 13.60
C TYR C 22 -20.58 6.07 12.64
N MET C 23 -21.07 5.36 11.61
CA MET C 23 -20.24 4.72 10.60
C MET C 23 -20.83 5.00 9.24
N GLU C 24 -19.96 5.32 8.30
CA GLU C 24 -20.34 5.62 6.93
C GLU C 24 -19.33 4.88 6.03
N VAL C 25 -19.85 4.08 5.11
CA VAL C 25 -19.04 3.24 4.23
C VAL C 25 -19.51 3.48 2.80
N GLY C 26 -18.56 3.87 1.95
CA GLY C 26 -18.81 4.10 0.56
C GLY C 26 -18.38 2.93 -0.31
N TYR C 27 -19.18 2.67 -1.34
CA TYR C 27 -18.96 1.61 -2.32
C TYR C 27 -19.11 2.12 -3.76
N VAL C 28 -18.12 1.82 -4.60
CA VAL C 28 -18.27 1.91 -6.03
C VAL C 28 -18.48 0.49 -6.53
N ASP C 29 -19.58 0.26 -7.26
CA ASP C 29 -19.85 -1.06 -7.81
C ASP C 29 -19.62 -2.17 -6.78
N ASP C 30 -20.22 -2.04 -5.61
CA ASP C 30 -20.10 -3.07 -4.56
C ASP C 30 -18.71 -3.27 -3.93
N THR C 31 -17.73 -2.44 -4.29
CA THR C 31 -16.42 -2.46 -3.63
C THR C 31 -16.28 -1.23 -2.69
N GLU C 32 -16.01 -1.51 -1.41
CA GLU C 32 -15.75 -0.48 -0.42
C GLU C 32 -14.53 0.34 -0.85
N PHE C 33 -14.65 1.67 -0.85
CA PHE C 33 -13.56 2.54 -1.27
C PHE C 33 -13.29 3.67 -0.28
N VAL C 34 -14.23 3.95 0.62
CA VAL C 34 -14.04 4.89 1.71
C VAL C 34 -14.78 4.46 3.00
N ARG C 35 -14.31 4.94 4.14
CA ARG C 35 -14.96 4.60 5.44
C ARG C 35 -14.68 5.68 6.48
N PHE C 36 -15.69 5.92 7.32
CA PHE C 36 -15.59 6.79 8.49
C PHE C 36 -16.18 6.04 9.65
N ASP C 37 -15.48 6.04 10.77
CA ASP C 37 -15.96 5.38 11.96
C ASP C 37 -15.72 6.30 13.18
N SER C 38 -16.80 6.70 13.84
CA SER C 38 -16.72 7.66 14.93
C SER C 38 -15.97 7.15 16.16
N ASP C 39 -15.79 5.85 16.24
CA ASP C 39 -15.11 5.20 17.37
C ASP C 39 -13.57 5.25 17.41
N ALA C 40 -12.92 5.99 16.51
CA ALA C 40 -11.47 6.29 16.64
C ALA C 40 -11.27 7.55 17.50
N GLU C 41 -10.05 7.76 18.06
CA GLU C 41 -9.83 8.95 18.94
C GLU C 41 -9.85 10.24 18.12
N ASN C 42 -9.12 10.23 16.99
CA ASN C 42 -9.47 11.15 15.91
C ASN C 42 -10.06 10.34 14.74
N PRO C 43 -11.38 10.45 14.60
CA PRO C 43 -12.08 9.83 13.50
C PRO C 43 -11.90 10.68 12.26
N ARG C 44 -11.60 10.00 11.17
CA ARG C 44 -11.29 10.65 9.92
C ARG C 44 -11.91 9.84 8.80
N TYR C 45 -12.31 10.52 7.74
CA TYR C 45 -12.70 9.84 6.51
C TYR C 45 -11.43 9.18 5.92
N GLU C 46 -11.50 7.89 5.60
CA GLU C 46 -10.33 7.11 5.17
C GLU C 46 -10.50 6.42 3.79
N PRO C 47 -9.43 6.40 2.95
CA PRO C 47 -9.44 5.53 1.78
C PRO C 47 -9.46 4.07 2.17
N ARG C 48 -10.14 3.28 1.36
CA ARG C 48 -10.22 1.84 1.57
C ARG C 48 -9.83 1.06 0.31
N ALA C 49 -9.40 1.79 -0.70
CA ALA C 49 -8.88 1.24 -1.93
C ALA C 49 -7.71 2.11 -2.30
N ARG C 50 -6.64 1.52 -2.82
CA ARG C 50 -5.38 2.26 -3.00
C ARG C 50 -5.53 3.38 -4.04
N TRP C 51 -6.41 3.19 -5.01
CA TRP C 51 -6.69 4.21 -6.01
C TRP C 51 -7.37 5.50 -5.49
N MET C 52 -7.89 5.48 -4.26
CA MET C 52 -8.39 6.71 -3.62
C MET C 52 -7.32 7.55 -2.96
N GLU C 53 -6.12 6.99 -2.79
CA GLU C 53 -5.06 7.69 -2.09
C GLU C 53 -4.60 8.95 -2.82
N GLN C 54 -4.99 9.10 -4.07
CA GLN C 54 -4.59 10.26 -4.86
C GLN C 54 -5.49 11.47 -4.67
N GLU C 55 -6.64 11.30 -4.01
CA GLU C 55 -7.40 12.49 -3.61
C GLU C 55 -6.52 13.24 -2.62
N GLY C 56 -6.40 14.56 -2.79
CA GLY C 56 -5.60 15.37 -1.89
C GLY C 56 -6.28 15.73 -0.57
N PRO C 57 -5.53 16.39 0.32
CA PRO C 57 -5.99 16.64 1.69
C PRO C 57 -7.28 17.44 1.81
N GLU C 58 -7.50 18.39 0.90
CA GLU C 58 -8.75 19.13 0.87
C GLU C 58 -9.98 18.19 0.76
N TYR C 59 -9.87 17.15 -0.06
CA TYR C 59 -10.97 16.18 -0.20
C TYR C 59 -11.25 15.49 1.13
N TRP C 60 -10.19 14.94 1.73
CA TRP C 60 -10.30 14.19 2.97
C TRP C 60 -10.82 15.08 4.10
N GLU C 61 -10.29 16.29 4.22
CA GLU C 61 -10.80 17.24 5.21
C GLU C 61 -12.32 17.52 5.09
N ARG C 62 -12.75 17.89 3.88
CA ARG C 62 -14.15 18.18 3.62
C ARG C 62 -15.06 17.01 3.98
N GLU C 63 -14.61 15.80 3.63
CA GLU C 63 -15.40 14.61 3.84
C GLU C 63 -15.47 14.27 5.33
N THR C 64 -14.35 14.45 6.03
CA THR C 64 -14.30 14.28 7.49
C THR C 64 -15.25 15.24 8.20
N GLN C 65 -15.23 16.51 7.83
CA GLN C 65 -16.11 17.51 8.47
C GLN C 65 -17.59 17.28 8.16
N LYS C 66 -17.88 16.78 6.97
CA LYS C 66 -19.24 16.40 6.58
C LYS C 66 -19.75 15.20 7.38
N ALA C 67 -18.91 14.17 7.54
CA ALA C 67 -19.24 12.99 8.37
C ALA C 67 -19.45 13.32 9.85
N LYS C 68 -18.60 14.20 10.39
CA LYS C 68 -18.72 14.64 11.79
C LYS C 68 -20.02 15.41 12.02
N GLY C 69 -20.39 16.25 11.07
CA GLY C 69 -21.68 16.89 11.05
C GLY C 69 -22.83 15.89 11.01
N ASN C 70 -22.87 15.04 9.99
CA ASN C 70 -23.87 13.95 9.91
C ASN C 70 -23.98 13.16 11.22
N GLU C 71 -22.85 12.84 11.81
CA GLU C 71 -22.83 12.12 13.06
C GLU C 71 -23.66 12.83 14.11
N GLN C 72 -23.52 14.15 14.16
CA GLN C 72 -24.16 14.92 15.21
C GLN C 72 -25.67 15.07 14.94
N SER C 73 -26.07 15.15 13.67
CA SER C 73 -27.48 15.04 13.24
C SER C 73 -28.15 13.72 13.55
N PHE C 74 -27.43 12.61 13.34
CA PHE C 74 -27.97 11.30 13.64
C PHE C 74 -28.22 11.11 15.13
N ARG C 75 -27.33 11.67 15.94
CA ARG C 75 -27.48 11.69 17.39
C ARG C 75 -28.85 12.32 17.78
N VAL C 76 -29.23 13.42 17.13
CA VAL C 76 -30.51 14.08 17.33
C VAL C 76 -31.66 13.23 16.80
N ASP C 77 -31.51 12.72 15.58
CA ASP C 77 -32.47 11.79 15.02
C ASP C 77 -32.79 10.61 15.89
N LEU C 78 -31.76 10.00 16.48
CA LEU C 78 -31.99 8.93 17.48
C LEU C 78 -32.88 9.38 18.68
N ARG C 79 -32.61 10.56 19.22
CA ARG C 79 -33.43 11.10 20.31
C ARG C 79 -34.88 11.28 19.84
N THR C 80 -35.04 11.88 18.67
CA THR C 80 -36.34 12.08 18.07
C THR C 80 -37.12 10.77 17.95
N LEU C 81 -36.45 9.71 17.52
CA LEU C 81 -37.14 8.44 17.23
C LEU C 81 -37.64 7.76 18.49
N LEU C 82 -36.84 7.88 19.54
CA LEU C 82 -37.24 7.44 20.87
C LEU C 82 -38.63 7.99 21.27
N GLY C 83 -38.85 9.27 21.00
CA GLY C 83 -40.11 9.95 21.27
C GLY C 83 -41.24 9.60 20.33
N TYR C 84 -40.95 9.52 19.03
CA TYR C 84 -41.94 9.05 18.03
C TYR C 84 -42.51 7.69 18.41
N TYR C 85 -41.68 6.83 19.00
CA TYR C 85 -42.08 5.46 19.32
C TYR C 85 -42.35 5.22 20.82
N ASN C 86 -42.21 6.26 21.64
CA ASN C 86 -42.40 6.18 23.10
C ASN C 86 -41.50 5.13 23.76
N GLN C 87 -40.22 5.14 23.40
CA GLN C 87 -39.27 4.17 23.90
C GLN C 87 -38.51 4.80 25.06
N SER C 88 -37.98 3.95 25.94
CA SER C 88 -37.16 4.41 27.06
C SER C 88 -35.78 4.89 26.61
N LYS C 89 -35.14 5.69 27.46
CA LYS C 89 -33.81 6.22 27.18
C LYS C 89 -32.68 5.21 27.38
N GLY C 90 -33.00 4.03 27.93
CA GLY C 90 -31.99 3.05 28.33
C GLY C 90 -31.56 2.01 27.30
N GLY C 91 -32.28 1.90 26.20
CA GLY C 91 -32.02 0.85 25.21
C GLY C 91 -31.20 1.34 24.03
N SER C 92 -30.46 0.43 23.40
CA SER C 92 -29.72 0.72 22.17
C SER C 92 -30.64 0.62 20.95
N HIS C 93 -30.57 1.62 20.08
CA HIS C 93 -31.31 1.62 18.84
C HIS C 93 -30.41 1.97 17.66
N THR C 94 -30.90 1.64 16.47
CA THR C 94 -30.11 1.72 15.24
C THR C 94 -30.88 2.49 14.21
N ILE C 95 -30.20 3.44 13.56
CA ILE C 95 -30.65 3.98 12.28
C ILE C 95 -29.67 3.53 11.19
N GLN C 96 -30.23 3.07 10.06
CA GLN C 96 -29.42 2.72 8.90
C GLN C 96 -29.97 3.43 7.69
N VAL C 97 -29.07 3.83 6.80
CA VAL C 97 -29.43 4.52 5.59
C VAL C 97 -28.64 3.91 4.41
N ILE C 98 -29.32 3.70 3.29
CA ILE C 98 -28.64 3.40 2.03
C ILE C 98 -28.96 4.51 1.08
N SER C 99 -27.91 5.17 0.59
CA SER C 99 -28.00 6.31 -0.30
C SER C 99 -27.13 6.07 -1.54
N GLY C 100 -27.65 6.36 -2.72
CA GLY C 100 -26.85 6.33 -3.92
C GLY C 100 -27.52 6.30 -5.26
N CYS C 101 -26.69 6.13 -6.29
CA CYS C 101 -27.09 6.23 -7.70
C CYS C 101 -26.55 4.99 -8.43
N GLU C 102 -27.38 4.42 -9.28
CA GLU C 102 -26.95 3.49 -10.31
C GLU C 102 -27.04 4.21 -11.65
N VAL C 103 -25.93 4.20 -12.39
CA VAL C 103 -25.86 4.89 -13.69
C VAL C 103 -25.57 3.87 -14.81
N GLY C 104 -26.21 4.08 -15.95
CA GLY C 104 -26.01 3.21 -17.09
C GLY C 104 -24.74 3.47 -17.85
N SER C 105 -24.51 2.64 -18.85
CA SER C 105 -23.40 2.81 -19.76
C SER C 105 -23.38 4.17 -20.47
N ASP C 106 -24.54 4.81 -20.61
CA ASP C 106 -24.60 6.11 -21.29
C ASP C 106 -24.39 7.31 -20.34
N GLY C 107 -24.12 7.02 -19.07
CA GLY C 107 -23.82 8.03 -18.08
C GLY C 107 -25.06 8.62 -17.47
N ARG C 108 -26.24 8.08 -17.81
CA ARG C 108 -27.48 8.59 -17.27
C ARG C 108 -27.84 7.82 -16.01
N LEU C 109 -28.50 8.51 -15.09
CA LEU C 109 -29.06 7.87 -13.90
C LEU C 109 -30.12 6.85 -14.26
N LEU C 110 -29.85 5.62 -13.85
CA LEU C 110 -30.72 4.50 -14.05
C LEU C 110 -31.64 4.42 -12.85
N ARG C 111 -31.08 4.61 -11.65
CA ARG C 111 -31.92 4.67 -10.49
C ARG C 111 -31.21 5.27 -9.27
N GLY C 112 -31.95 6.10 -8.53
CA GLY C 112 -31.44 6.76 -7.35
C GLY C 112 -32.24 6.30 -6.14
N TYR C 113 -31.60 6.22 -4.98
CA TYR C 113 -32.30 5.80 -3.76
C TYR C 113 -31.77 6.45 -2.51
N GLN C 114 -32.67 6.51 -1.54
CA GLN C 114 -32.36 6.97 -0.22
C GLN C 114 -33.39 6.35 0.72
N GLN C 115 -32.95 5.28 1.38
CA GLN C 115 -33.78 4.41 2.19
C GLN C 115 -33.29 4.45 3.64
N TYR C 116 -34.22 4.57 4.58
CA TYR C 116 -33.92 4.63 6.02
C TYR C 116 -34.55 3.46 6.74
N ALA C 117 -33.84 2.90 7.71
CA ALA C 117 -34.38 1.87 8.55
C ALA C 117 -34.15 2.27 10.00
N TYR C 118 -35.12 1.94 10.84
CA TYR C 118 -34.99 2.07 12.30
C TYR C 118 -35.11 0.68 12.91
N ASP C 119 -34.11 0.33 13.70
CA ASP C 119 -34.01 -0.97 14.35
C ASP C 119 -34.20 -2.11 13.35
N GLY C 120 -33.63 -1.94 12.17
CA GLY C 120 -33.56 -3.02 11.20
C GLY C 120 -34.77 -3.13 10.30
N CYS C 121 -35.71 -2.17 10.42
CA CYS C 121 -36.95 -2.18 9.67
C CYS C 121 -37.13 -0.94 8.86
N ASP C 122 -37.72 -1.12 7.67
CA ASP C 122 -38.03 0.00 6.80
C ASP C 122 -38.70 1.09 7.59
N TYR C 123 -38.29 2.33 7.36
CA TYR C 123 -38.86 3.50 8.04
C TYR C 123 -39.47 4.40 6.95
N ILE C 124 -38.62 4.94 6.08
CA ILE C 124 -39.04 5.81 4.99
C ILE C 124 -38.04 5.72 3.83
N ALA C 125 -38.53 5.88 2.61
CA ALA C 125 -37.69 5.71 1.44
C ALA C 125 -38.21 6.61 0.36
N LEU C 126 -37.29 7.20 -0.41
CA LEU C 126 -37.63 8.04 -1.53
C LEU C 126 -37.96 7.11 -2.70
N ASN C 127 -39.05 7.40 -3.40
CA ASN C 127 -39.52 6.53 -4.47
C ASN C 127 -38.71 6.76 -5.73
N GLU C 128 -38.82 5.81 -6.65
CA GLU C 128 -38.08 5.83 -7.92
C GLU C 128 -38.27 7.12 -8.72
N ASP C 129 -39.41 7.80 -8.54
CA ASP C 129 -39.67 9.12 -9.14
C ASP C 129 -38.79 10.23 -8.58
N LEU C 130 -38.14 9.97 -7.45
CA LEU C 130 -37.28 10.97 -6.82
C LEU C 130 -38.05 12.22 -6.44
N LYS C 131 -39.37 12.03 -6.28
CA LYS C 131 -40.29 13.12 -5.98
C LYS C 131 -41.11 12.86 -4.73
N THR C 132 -41.49 11.60 -4.52
CA THR C 132 -42.32 11.25 -3.35
C THR C 132 -41.67 10.23 -2.39
N TRP C 133 -42.29 10.12 -1.21
CA TRP C 133 -41.83 9.26 -0.10
C TRP C 133 -42.81 8.15 0.21
N THR C 134 -42.27 6.98 0.51
CA THR C 134 -43.02 5.87 1.06
C THR C 134 -42.66 5.68 2.54
N ALA C 135 -43.58 6.09 3.43
CA ALA C 135 -43.41 5.94 4.87
C ALA C 135 -44.04 4.65 5.33
N ALA C 136 -43.36 3.91 6.22
CA ALA C 136 -43.76 2.56 6.58
C ALA C 136 -44.69 2.44 7.77
N ASP C 137 -44.89 3.54 8.52
CA ASP C 137 -45.75 3.52 9.72
C ASP C 137 -46.13 4.94 10.10
N MET C 138 -46.82 5.11 11.25
CA MET C 138 -47.27 6.45 11.68
C MET C 138 -46.10 7.39 11.92
N ALA C 139 -45.04 6.86 12.51
CA ALA C 139 -43.87 7.64 12.89
C ALA C 139 -43.19 8.23 11.66
N ALA C 140 -42.95 7.40 10.65
CA ALA C 140 -42.38 7.88 9.37
C ALA C 140 -43.29 8.87 8.64
N LEU C 141 -44.59 8.79 8.92
CA LEU C 141 -45.55 9.81 8.43
C LEU C 141 -45.19 11.20 8.96
N ILE C 142 -44.76 11.31 10.21
CA ILE C 142 -44.31 12.60 10.75
C ILE C 142 -43.10 13.12 9.97
N THR C 143 -42.13 12.25 9.70
CA THR C 143 -40.93 12.61 8.98
C THR C 143 -41.27 13.02 7.55
N LYS C 144 -42.14 12.23 6.90
CA LYS C 144 -42.64 12.53 5.54
C LYS C 144 -43.17 13.96 5.41
N HIS C 145 -44.06 14.35 6.32
CA HIS C 145 -44.65 15.69 6.30
C HIS C 145 -43.57 16.74 6.50
N LYS C 146 -42.75 16.52 7.52
CA LYS C 146 -41.56 17.33 7.78
C LYS C 146 -40.72 17.54 6.49
N TRP C 147 -40.49 16.45 5.75
CA TRP C 147 -39.53 16.43 4.63
C TRP C 147 -40.17 16.97 3.35
N GLU C 148 -41.47 16.71 3.18
CA GLU C 148 -42.24 17.42 2.15
C GLU C 148 -42.16 18.92 2.32
N GLN C 149 -42.40 19.40 3.53
CA GLN C 149 -42.38 20.84 3.82
C GLN C 149 -41.00 21.43 3.57
N ALA C 150 -39.96 20.71 4.00
CA ALA C 150 -38.57 21.16 3.85
C ALA C 150 -38.00 21.01 2.43
N GLY C 151 -38.73 20.31 1.56
CA GLY C 151 -38.30 20.12 0.18
C GLY C 151 -37.13 19.16 0.07
N GLU C 152 -37.09 18.17 0.95
CA GLU C 152 -36.01 17.18 0.99
C GLU C 152 -35.90 16.37 -0.32
N ALA C 153 -37.03 15.91 -0.87
CA ALA C 153 -37.02 15.13 -2.12
C ALA C 153 -36.37 15.86 -3.30
N GLU C 154 -36.60 17.15 -3.43
CA GLU C 154 -36.09 17.90 -4.59
C GLU C 154 -34.58 18.05 -4.49
N ARG C 155 -34.14 18.38 -3.28
CA ARG C 155 -32.74 18.57 -2.94
C ARG C 155 -31.96 17.26 -3.13
N LEU C 156 -32.62 16.15 -2.83
CA LEU C 156 -32.10 14.81 -2.99
C LEU C 156 -32.04 14.42 -4.47
N ARG C 157 -33.08 14.76 -5.23
CA ARG C 157 -33.11 14.49 -6.67
C ARG C 157 -31.91 15.15 -7.36
N ALA C 158 -31.58 16.35 -6.91
CA ALA C 158 -30.47 17.12 -7.45
C ALA C 158 -29.13 16.47 -7.08
N TYR C 159 -29.01 15.98 -5.86
CA TYR C 159 -27.81 15.26 -5.43
C TYR C 159 -27.63 14.02 -6.30
N LEU C 160 -28.69 13.25 -6.41
CA LEU C 160 -28.64 11.92 -7.05
C LEU C 160 -28.39 11.99 -8.56
N GLU C 161 -29.07 12.93 -9.23
CA GLU C 161 -28.96 13.11 -10.68
C GLU C 161 -27.71 13.87 -11.08
N GLY C 162 -27.26 14.79 -10.25
CA GLY C 162 -26.10 15.62 -10.54
C GLY C 162 -24.91 15.16 -9.74
N THR C 163 -24.81 15.68 -8.52
CA THR C 163 -23.64 15.52 -7.66
C THR C 163 -23.12 14.11 -7.61
N CYS C 164 -23.99 13.17 -7.23
CA CYS C 164 -23.62 11.76 -7.05
C CYS C 164 -23.07 11.13 -8.35
N VAL C 165 -23.73 11.40 -9.49
CA VAL C 165 -23.28 10.87 -10.79
C VAL C 165 -21.87 11.40 -11.15
N GLU C 166 -21.65 12.68 -10.90
CA GLU C 166 -20.38 13.35 -11.20
C GLU C 166 -19.25 12.83 -10.34
N TRP C 167 -19.53 12.63 -9.05
CA TRP C 167 -18.55 11.98 -8.18
C TRP C 167 -18.26 10.56 -8.63
N LEU C 168 -19.30 9.79 -8.96
CA LEU C 168 -19.11 8.42 -9.50
C LEU C 168 -18.13 8.42 -10.69
N ARG C 169 -18.34 9.35 -11.62
CA ARG C 169 -17.48 9.50 -12.79
C ARG C 169 -16.02 9.73 -12.37
N ARG C 170 -15.84 10.62 -11.39
CA ARG C 170 -14.52 10.92 -10.83
C ARG C 170 -13.84 9.69 -10.21
N TYR C 171 -14.55 8.95 -9.34
CA TYR C 171 -13.97 7.76 -8.71
C TYR C 171 -13.64 6.64 -9.74
N LEU C 172 -14.52 6.45 -10.71
CA LEU C 172 -14.29 5.49 -11.79
C LEU C 172 -13.05 5.79 -12.63
N LYS C 173 -12.75 7.07 -12.84
CA LYS C 173 -11.53 7.46 -13.52
C LYS C 173 -10.35 6.87 -12.77
N ASN C 174 -10.32 7.10 -11.47
CA ASN C 174 -9.21 6.67 -10.64
C ASN C 174 -9.21 5.17 -10.34
N GLY C 175 -10.38 4.56 -10.30
CA GLY C 175 -10.50 3.14 -9.98
C GLY C 175 -10.65 2.18 -11.15
N ASN C 176 -10.73 2.67 -12.40
CA ASN C 176 -11.02 1.85 -13.62
C ASN C 176 -10.25 0.54 -13.75
N ALA C 177 -8.91 0.66 -13.81
CA ALA C 177 -7.98 -0.47 -13.75
C ALA C 177 -8.53 -1.57 -12.84
N THR C 178 -8.36 -1.40 -11.53
CA THR C 178 -9.15 -2.10 -10.51
C THR C 178 -10.65 -1.87 -10.80
N LEU C 179 -11.56 -2.38 -9.98
CA LEU C 179 -13.00 -2.31 -10.29
C LEU C 179 -13.39 -3.29 -11.41
N LEU C 180 -12.72 -3.18 -12.55
CA LEU C 180 -12.95 -4.10 -13.66
C LEU C 180 -12.42 -5.50 -13.39
N ARG C 181 -11.70 -5.69 -12.27
CA ARG C 181 -11.21 -7.01 -11.86
C ARG C 181 -12.31 -8.09 -11.88
N THR C 182 -12.00 -9.20 -12.56
CA THR C 182 -12.85 -10.38 -12.59
C THR C 182 -11.92 -11.56 -12.41
N ASP C 183 -12.13 -12.36 -11.37
CA ASP C 183 -11.40 -13.62 -11.16
C ASP C 183 -12.37 -14.76 -11.38
N SER C 184 -12.00 -15.68 -12.27
CA SER C 184 -12.89 -16.76 -12.65
C SER C 184 -12.78 -17.89 -11.61
N PRO C 185 -13.88 -18.59 -11.35
CA PRO C 185 -13.82 -19.71 -10.42
C PRO C 185 -12.91 -20.80 -10.94
N LYS C 186 -12.15 -21.38 -10.01
CA LYS C 186 -11.51 -22.67 -10.23
C LYS C 186 -12.34 -23.71 -9.46
N ALA C 187 -12.62 -24.83 -10.11
CA ALA C 187 -13.50 -25.84 -9.56
C ALA C 187 -12.83 -27.20 -9.41
N HIS C 188 -13.40 -28.03 -8.53
CA HIS C 188 -12.98 -29.43 -8.36
C HIS C 188 -14.06 -30.19 -7.59
N VAL C 189 -14.10 -31.49 -7.81
CA VAL C 189 -15.10 -32.31 -7.17
C VAL C 189 -14.48 -33.20 -6.07
N THR C 190 -15.06 -33.14 -4.86
CA THR C 190 -14.72 -34.08 -3.79
C THR C 190 -15.75 -35.18 -3.63
N HIS C 191 -15.28 -36.27 -3.03
CA HIS C 191 -16.01 -37.51 -2.93
C HIS C 191 -16.03 -37.93 -1.46
N HIS C 192 -17.22 -38.14 -0.92
CA HIS C 192 -17.41 -38.51 0.49
C HIS C 192 -18.42 -39.63 0.64
N SER C 193 -18.22 -40.42 1.68
CA SER C 193 -19.05 -41.59 1.95
C SER C 193 -20.37 -41.19 2.60
N ARG C 194 -21.45 -41.90 2.23
CA ARG C 194 -22.76 -41.77 2.92
C ARG C 194 -23.11 -43.15 3.43
N PRO C 195 -24.18 -43.30 4.22
CA PRO C 195 -24.61 -44.63 4.63
C PRO C 195 -24.97 -45.53 3.45
N GLU C 196 -24.76 -46.83 3.63
CA GLU C 196 -25.21 -47.83 2.67
C GLU C 196 -24.53 -47.54 1.34
N ASP C 197 -25.28 -47.52 0.23
CA ASP C 197 -24.66 -47.54 -1.08
C ASP C 197 -24.74 -46.20 -1.77
N LYS C 198 -24.58 -45.13 -1.00
CA LYS C 198 -24.69 -43.77 -1.51
C LYS C 198 -23.38 -43.05 -1.25
N VAL C 199 -23.09 -42.03 -2.06
CA VAL C 199 -21.91 -41.22 -1.87
C VAL C 199 -22.27 -39.77 -2.19
N THR C 200 -21.53 -38.84 -1.62
CA THR C 200 -21.73 -37.41 -1.87
C THR C 200 -20.64 -36.89 -2.77
N LEU C 201 -21.06 -36.24 -3.87
CA LEU C 201 -20.16 -35.53 -4.75
C LEU C 201 -20.35 -34.03 -4.44
N ARG C 202 -19.25 -33.34 -4.14
CA ARG C 202 -19.32 -31.94 -3.79
C ARG C 202 -18.50 -31.12 -4.76
N CYS C 203 -19.18 -30.20 -5.45
CA CYS C 203 -18.53 -29.41 -6.46
C CYS C 203 -18.15 -28.08 -5.84
N TRP C 204 -16.85 -27.81 -5.78
CA TRP C 204 -16.32 -26.60 -5.19
C TRP C 204 -15.97 -25.58 -6.25
N ALA C 205 -16.34 -24.32 -6.02
CA ALA C 205 -15.80 -23.20 -6.79
C ALA C 205 -15.05 -22.26 -5.85
N LEU C 206 -13.80 -21.97 -6.19
CA LEU C 206 -12.91 -21.21 -5.33
C LEU C 206 -12.26 -20.07 -6.11
N GLY C 207 -11.81 -19.03 -5.40
CA GLY C 207 -10.98 -17.95 -5.98
C GLY C 207 -11.65 -17.04 -6.98
N PHE C 208 -12.97 -16.95 -6.92
CA PHE C 208 -13.71 -16.17 -7.91
C PHE C 208 -14.15 -14.82 -7.37
N TYR C 209 -14.26 -13.89 -8.31
CA TYR C 209 -14.72 -12.54 -8.05
C TYR C 209 -15.27 -11.98 -9.37
N PRO C 210 -16.42 -11.33 -9.37
CA PRO C 210 -17.30 -11.10 -8.21
C PRO C 210 -18.02 -12.35 -7.64
N ALA C 211 -18.86 -12.13 -6.64
CA ALA C 211 -19.48 -13.19 -5.84
C ALA C 211 -20.57 -13.97 -6.54
N ASP C 212 -21.26 -13.30 -7.48
CA ASP C 212 -22.38 -13.91 -8.16
C ASP C 212 -21.89 -15.15 -8.93
N ILE C 213 -22.51 -16.29 -8.64
CA ILE C 213 -22.17 -17.53 -9.31
C ILE C 213 -23.34 -18.52 -9.27
N THR C 214 -23.35 -19.43 -10.23
CA THR C 214 -24.30 -20.53 -10.24
C THR C 214 -23.58 -21.90 -10.38
N LEU C 215 -23.92 -22.82 -9.49
CA LEU C 215 -23.46 -24.20 -9.57
C LEU C 215 -24.66 -25.11 -9.77
N THR C 216 -24.56 -26.01 -10.74
CA THR C 216 -25.60 -27.02 -10.97
C THR C 216 -25.00 -28.42 -11.11
N TRP C 217 -25.79 -29.43 -10.75
CA TRP C 217 -25.46 -30.81 -11.04
C TRP C 217 -26.44 -31.34 -12.08
N GLN C 218 -25.95 -32.15 -13.01
CA GLN C 218 -26.83 -32.82 -13.95
C GLN C 218 -26.59 -34.32 -13.95
N LEU C 219 -27.67 -35.10 -14.02
CA LEU C 219 -27.55 -36.52 -14.32
C LEU C 219 -27.64 -36.66 -15.82
N ASN C 220 -26.50 -36.95 -16.43
CA ASN C 220 -26.36 -36.97 -17.88
C ASN C 220 -26.93 -35.67 -18.48
N GLY C 221 -28.26 -35.63 -18.75
CA GLY C 221 -28.90 -34.44 -19.36
C GLY C 221 -29.69 -33.47 -18.47
N GLU C 222 -30.35 -33.95 -17.43
CA GLU C 222 -31.26 -33.12 -16.66
C GLU C 222 -30.58 -32.52 -15.43
N GLU C 223 -30.90 -31.27 -15.11
CA GLU C 223 -30.42 -30.63 -13.89
C GLU C 223 -31.14 -31.19 -12.70
N LEU C 224 -30.40 -31.48 -11.65
CA LEU C 224 -30.99 -32.13 -10.50
C LEU C 224 -31.77 -31.07 -9.73
N ILE C 225 -31.23 -30.50 -8.65
CA ILE C 225 -31.92 -29.41 -7.92
C ILE C 225 -33.19 -29.92 -7.20
N GLN C 226 -33.51 -29.31 -6.05
CA GLN C 226 -34.50 -29.86 -5.13
C GLN C 226 -34.00 -31.19 -4.52
N ASP C 227 -32.78 -31.58 -4.93
CA ASP C 227 -31.98 -32.60 -4.26
C ASP C 227 -30.52 -32.16 -4.00
N MET C 228 -30.15 -30.99 -4.53
CA MET C 228 -28.82 -30.47 -4.41
C MET C 228 -28.70 -29.80 -3.04
N GLU C 229 -27.58 -30.01 -2.36
CA GLU C 229 -27.29 -29.25 -1.15
C GLU C 229 -26.28 -28.19 -1.52
N LEU C 230 -26.37 -27.04 -0.86
CA LEU C 230 -25.42 -25.97 -1.12
C LEU C 230 -25.21 -25.05 0.09
N VAL C 231 -24.20 -24.21 -0.03
CA VAL C 231 -23.97 -23.21 0.98
C VAL C 231 -24.10 -21.85 0.33
N GLU C 232 -24.40 -20.86 1.15
CA GLU C 232 -24.36 -19.48 0.72
C GLU C 232 -22.94 -19.13 0.33
N THR C 233 -22.81 -18.36 -0.73
CA THR C 233 -21.51 -17.90 -1.18
C THR C 233 -20.86 -17.14 -0.04
N ARG C 234 -19.55 -17.29 0.13
CA ARG C 234 -18.85 -16.85 1.33
C ARG C 234 -17.46 -16.33 0.97
N PRO C 235 -16.98 -15.32 1.68
CA PRO C 235 -15.65 -14.79 1.43
C PRO C 235 -14.51 -15.70 1.93
N ALA C 236 -13.46 -15.82 1.14
CA ALA C 236 -12.28 -16.57 1.53
C ALA C 236 -11.43 -15.71 2.49
N GLY C 237 -11.64 -14.39 2.44
CA GLY C 237 -10.97 -13.44 3.32
C GLY C 237 -9.81 -12.72 2.66
N ASP C 238 -9.61 -12.99 1.36
CA ASP C 238 -8.54 -12.38 0.57
C ASP C 238 -9.08 -11.58 -0.61
N GLY C 239 -10.39 -11.33 -0.63
CA GLY C 239 -11.01 -10.62 -1.73
C GLY C 239 -11.77 -11.50 -2.72
N THR C 240 -11.55 -12.82 -2.66
CA THR C 240 -12.30 -13.82 -3.46
C THR C 240 -13.36 -14.58 -2.63
N PHE C 241 -14.18 -15.34 -3.37
CA PHE C 241 -15.35 -16.01 -2.82
C PHE C 241 -15.30 -17.52 -3.02
N GLN C 242 -16.09 -18.23 -2.24
CA GLN C 242 -16.22 -19.69 -2.32
C GLN C 242 -17.69 -20.04 -2.37
N LYS C 243 -17.99 -21.14 -3.03
CA LYS C 243 -19.30 -21.78 -2.96
C LYS C 243 -19.10 -23.28 -3.27
N TRP C 244 -20.01 -24.11 -2.76
CA TRP C 244 -20.15 -25.48 -3.25
C TRP C 244 -21.60 -25.89 -3.33
N ALA C 245 -21.78 -26.93 -4.15
CA ALA C 245 -23.05 -27.60 -4.31
C ALA C 245 -22.73 -29.08 -4.30
N SER C 246 -23.57 -29.89 -3.69
CA SER C 246 -23.32 -31.32 -3.64
C SER C 246 -24.56 -32.07 -3.95
N VAL C 247 -24.39 -33.34 -4.36
CA VAL C 247 -25.52 -34.28 -4.50
C VAL C 247 -25.13 -35.65 -3.99
N VAL C 248 -26.14 -36.43 -3.64
CA VAL C 248 -25.97 -37.80 -3.14
C VAL C 248 -26.32 -38.69 -4.32
N VAL C 249 -25.39 -39.56 -4.70
CA VAL C 249 -25.54 -40.42 -5.89
C VAL C 249 -25.32 -41.89 -5.49
N PRO C 250 -25.71 -42.86 -6.34
CA PRO C 250 -25.39 -44.28 -6.05
C PRO C 250 -23.90 -44.56 -6.14
N LEU C 251 -23.40 -45.35 -5.20
CA LEU C 251 -22.06 -45.87 -5.28
C LEU C 251 -21.85 -46.53 -6.63
N GLY C 252 -20.76 -46.19 -7.31
CA GLY C 252 -20.48 -46.75 -8.62
C GLY C 252 -21.06 -45.99 -9.81
N LYS C 253 -21.84 -44.92 -9.58
CA LYS C 253 -22.45 -44.16 -10.68
C LYS C 253 -21.96 -42.73 -10.70
N GLU C 254 -20.88 -42.45 -9.98
CA GLU C 254 -20.27 -41.12 -9.90
C GLU C 254 -20.00 -40.49 -11.28
N GLN C 255 -19.59 -41.32 -12.24
CA GLN C 255 -19.26 -40.83 -13.57
C GLN C 255 -20.49 -40.53 -14.42
N TYR C 256 -21.69 -40.69 -13.87
CA TYR C 256 -22.90 -40.41 -14.61
C TYR C 256 -23.37 -38.98 -14.33
N TYR C 257 -22.61 -38.27 -13.47
CA TYR C 257 -22.96 -36.91 -13.03
C TYR C 257 -21.95 -35.87 -13.41
N THR C 258 -22.47 -34.70 -13.73
CA THR C 258 -21.69 -33.56 -14.21
C THR C 258 -22.11 -32.29 -13.43
N CYS C 259 -21.13 -31.55 -12.94
CA CYS C 259 -21.33 -30.27 -12.29
C CYS C 259 -20.99 -29.18 -13.30
N HIS C 260 -21.80 -28.14 -13.32
CA HIS C 260 -21.58 -26.98 -14.19
C HIS C 260 -21.42 -25.71 -13.34
N VAL C 261 -20.41 -24.93 -13.67
CA VAL C 261 -20.12 -23.67 -12.98
C VAL C 261 -20.29 -22.47 -13.93
N TYR C 262 -21.21 -21.57 -13.59
CA TYR C 262 -21.50 -20.38 -14.41
C TYR C 262 -21.06 -19.11 -13.66
N HIS C 263 -20.26 -18.28 -14.32
CA HIS C 263 -19.74 -17.04 -13.74
C HIS C 263 -19.51 -16.04 -14.88
N GLN C 264 -19.57 -14.75 -14.59
CA GLN C 264 -19.27 -13.72 -15.60
C GLN C 264 -17.83 -13.74 -16.13
N GLY C 265 -16.90 -14.29 -15.35
CA GLY C 265 -15.52 -14.44 -15.78
C GLY C 265 -15.34 -15.62 -16.73
N LEU C 266 -16.39 -16.42 -16.91
CA LEU C 266 -16.29 -17.63 -17.73
C LEU C 266 -17.03 -17.50 -19.09
N PRO C 267 -16.30 -17.40 -20.19
CA PRO C 267 -16.93 -17.39 -21.51
C PRO C 267 -17.78 -18.65 -21.73
N GLU C 268 -17.19 -19.78 -21.33
CA GLU C 268 -17.82 -21.09 -21.37
C GLU C 268 -17.97 -21.50 -19.90
N PRO C 269 -19.13 -21.98 -19.48
CA PRO C 269 -19.26 -22.58 -18.16
C PRO C 269 -18.28 -23.73 -18.03
N LEU C 270 -17.77 -23.96 -16.82
CA LEU C 270 -16.96 -25.14 -16.55
C LEU C 270 -17.86 -26.35 -16.45
N THR C 271 -17.37 -27.49 -16.92
CA THR C 271 -18.04 -28.77 -16.77
C THR C 271 -17.02 -29.72 -16.16
N LEU C 272 -17.42 -30.45 -15.12
CA LEU C 272 -16.50 -31.42 -14.48
C LEU C 272 -17.20 -32.57 -13.80
N ARG C 273 -16.39 -33.53 -13.38
CA ARG C 273 -16.83 -34.68 -12.59
C ARG C 273 -15.64 -35.27 -11.75
N TRP C 274 -15.93 -36.23 -10.86
CA TRP C 274 -14.98 -37.36 -10.49
C TRP C 274 -15.39 -37.90 -9.06
N GLU C 275 -14.71 -38.29 -8.07
N ILE D 1 -38.35 -6.75 14.90
CA ILE D 1 -37.71 -7.72 15.86
C ILE D 1 -36.30 -8.07 15.44
N GLN D 2 -35.58 -8.75 16.32
CA GLN D 2 -34.17 -9.05 16.11
C GLN D 2 -34.03 -10.24 15.18
N LYS D 3 -32.93 -10.26 14.43
CA LYS D 3 -32.69 -11.30 13.45
C LYS D 3 -31.55 -12.21 13.92
N THR D 4 -31.75 -13.51 13.68
CA THR D 4 -30.87 -14.59 14.15
C THR D 4 -29.67 -14.84 13.23
N PRO D 5 -28.46 -14.78 13.76
CA PRO D 5 -27.28 -14.98 12.94
C PRO D 5 -27.23 -16.36 12.25
N GLN D 6 -26.77 -16.37 11.01
CA GLN D 6 -26.37 -17.59 10.32
C GLN D 6 -24.84 -17.65 10.37
N ILE D 7 -24.28 -18.85 10.46
CA ILE D 7 -22.84 -19.05 10.67
C ILE D 7 -22.25 -20.09 9.73
N GLN D 8 -21.09 -19.78 9.16
CA GLN D 8 -20.31 -20.75 8.41
C GLN D 8 -18.88 -20.75 8.93
N VAL D 9 -18.36 -21.94 9.18
CA VAL D 9 -17.01 -22.10 9.63
C VAL D 9 -16.26 -22.91 8.57
N TYR D 10 -15.10 -22.40 8.17
CA TYR D 10 -14.45 -22.93 6.98
C TYR D 10 -13.08 -22.32 6.79
N SER D 11 -12.21 -23.08 6.14
CA SER D 11 -10.85 -22.65 5.91
C SER D 11 -10.74 -21.82 4.63
N ARG D 12 -9.77 -20.92 4.62
CA ARG D 12 -9.48 -20.10 3.46
C ARG D 12 -9.07 -20.97 2.27
N HIS D 13 -8.13 -21.90 2.48
CA HIS D 13 -7.75 -22.85 1.44
C HIS D 13 -8.13 -24.26 1.85
N PRO D 14 -8.23 -25.18 0.87
CA PRO D 14 -8.39 -26.60 1.20
C PRO D 14 -7.44 -27.02 2.32
N PRO D 15 -7.96 -27.67 3.36
CA PRO D 15 -7.12 -27.99 4.52
C PRO D 15 -6.15 -29.13 4.22
N GLU D 16 -4.93 -28.98 4.70
CA GLU D 16 -3.92 -30.01 4.58
C GLU D 16 -3.22 -30.08 5.93
N ASN D 17 -3.31 -31.26 6.57
CA ASN D 17 -2.74 -31.44 7.90
C ASN D 17 -1.27 -31.05 7.85
N GLY D 18 -0.86 -30.20 8.77
CA GLY D 18 0.53 -29.70 8.80
C GLY D 18 0.82 -28.37 8.11
N LYS D 19 -0.02 -27.92 7.18
CA LYS D 19 0.20 -26.66 6.44
C LYS D 19 -0.61 -25.50 7.06
N PRO D 20 0.06 -24.40 7.41
CA PRO D 20 -0.65 -23.19 7.83
C PRO D 20 -1.76 -22.75 6.90
N ASN D 21 -2.84 -22.27 7.51
CA ASN D 21 -4.04 -21.92 6.79
C ASN D 21 -4.75 -20.85 7.62
N ILE D 22 -5.93 -20.46 7.18
CA ILE D 22 -6.73 -19.55 7.94
C ILE D 22 -8.10 -20.16 8.10
N LEU D 23 -8.59 -20.08 9.33
CA LEU D 23 -9.94 -20.47 9.65
C LEU D 23 -10.81 -19.25 9.80
N ASN D 24 -11.93 -19.33 9.08
CA ASN D 24 -12.93 -18.30 8.94
C ASN D 24 -14.21 -18.65 9.68
N CYS D 25 -14.76 -17.65 10.36
CA CYS D 25 -16.14 -17.71 10.88
C CYS D 25 -16.95 -16.53 10.36
N TYR D 26 -17.86 -16.83 9.44
CA TYR D 26 -18.65 -15.84 8.71
C TYR D 26 -20.03 -15.80 9.29
N VAL D 27 -20.39 -14.66 9.88
CA VAL D 27 -21.66 -14.48 10.56
C VAL D 27 -22.46 -13.42 9.82
N THR D 28 -23.68 -13.78 9.44
CA THR D 28 -24.58 -12.96 8.65
C THR D 28 -25.97 -12.96 9.25
N GLN D 29 -26.83 -12.16 8.69
CA GLN D 29 -28.27 -12.12 9.02
C GLN D 29 -28.63 -11.76 10.44
N PHE D 30 -27.76 -10.99 11.12
CA PHE D 30 -28.05 -10.53 12.47
C PHE D 30 -28.37 -9.04 12.59
N HIS D 31 -29.21 -8.75 13.58
CA HIS D 31 -29.58 -7.40 13.99
C HIS D 31 -30.13 -7.61 15.41
N PRO D 32 -29.72 -6.84 16.41
CA PRO D 32 -28.87 -5.67 16.30
C PRO D 32 -27.41 -5.99 15.99
N PRO D 33 -26.63 -4.97 15.71
CA PRO D 33 -25.23 -5.17 15.33
C PRO D 33 -24.30 -5.68 16.44
N HIS D 34 -24.62 -5.43 17.71
CA HIS D 34 -23.79 -5.96 18.79
C HIS D 34 -23.74 -7.49 18.72
N ILE D 35 -22.54 -8.04 18.64
CA ILE D 35 -22.38 -9.50 18.62
C ILE D 35 -21.04 -9.91 19.25
N GLU D 36 -21.01 -11.09 19.86
CA GLU D 36 -19.77 -11.59 20.44
C GLU D 36 -19.45 -12.92 19.76
N ILE D 37 -18.25 -13.01 19.23
CA ILE D 37 -17.81 -14.14 18.44
C ILE D 37 -16.49 -14.64 19.01
N GLN D 38 -16.47 -15.93 19.32
CA GLN D 38 -15.29 -16.61 19.81
C GLN D 38 -15.00 -17.74 18.85
N MET D 39 -13.73 -17.99 18.61
CA MET D 39 -13.32 -19.19 17.94
C MET D 39 -12.63 -20.08 18.98
N LEU D 40 -12.83 -21.39 18.87
CA LEU D 40 -12.34 -22.37 19.83
C LEU D 40 -11.54 -23.52 19.23
N LYS D 41 -10.44 -23.88 19.88
CA LYS D 41 -9.69 -25.07 19.53
C LYS D 41 -9.77 -26.08 20.68
N ASN D 42 -10.23 -27.29 20.35
CA ASN D 42 -10.43 -28.36 21.34
C ASN D 42 -11.18 -27.88 22.57
N GLY D 43 -12.16 -27.02 22.34
CA GLY D 43 -13.01 -26.51 23.40
C GLY D 43 -12.49 -25.29 24.13
N LYS D 44 -11.32 -24.78 23.75
CA LYS D 44 -10.71 -23.65 24.47
C LYS D 44 -10.67 -22.42 23.58
N LYS D 45 -11.06 -21.28 24.12
CA LYS D 45 -11.00 -19.99 23.39
C LYS D 45 -9.61 -19.77 22.75
N ILE D 46 -9.60 -19.44 21.45
CA ILE D 46 -8.37 -19.09 20.72
C ILE D 46 -8.10 -17.60 20.92
N PRO D 47 -6.84 -17.25 21.22
CA PRO D 47 -6.49 -15.88 21.57
C PRO D 47 -6.49 -14.86 20.44
N LYS D 48 -5.74 -15.14 19.38
CA LYS D 48 -5.61 -14.17 18.31
C LYS D 48 -6.64 -14.45 17.20
N VAL D 49 -7.83 -13.87 17.37
CA VAL D 49 -8.89 -13.90 16.37
C VAL D 49 -9.14 -12.48 15.88
N GLU D 50 -8.95 -12.24 14.59
CA GLU D 50 -9.24 -10.94 14.01
C GLU D 50 -10.65 -10.87 13.42
N MET D 51 -11.20 -9.66 13.41
CA MET D 51 -12.54 -9.41 12.89
C MET D 51 -12.50 -8.39 11.77
N SER D 52 -13.24 -8.64 10.70
CA SER D 52 -13.43 -7.64 9.68
C SER D 52 -14.21 -6.48 10.30
N ASP D 53 -14.16 -5.34 9.65
CA ASP D 53 -15.00 -4.23 10.01
C ASP D 53 -16.41 -4.70 9.74
N MET D 54 -17.39 -4.18 10.45
CA MET D 54 -18.72 -4.67 10.24
C MET D 54 -19.39 -3.92 9.10
N SER D 55 -20.28 -4.60 8.41
CA SER D 55 -20.97 -4.10 7.25
C SER D 55 -22.41 -4.56 7.37
N PHE D 56 -23.30 -3.99 6.55
CA PHE D 56 -24.67 -4.48 6.42
C PHE D 56 -25.13 -4.55 4.97
N SER D 57 -26.12 -5.40 4.77
CA SER D 57 -26.65 -5.72 3.46
C SER D 57 -27.98 -4.99 3.23
N LYS D 58 -28.46 -5.10 2.00
CA LYS D 58 -29.64 -4.33 1.55
C LYS D 58 -30.91 -4.69 2.33
N ASP D 59 -30.93 -5.87 2.97
CA ASP D 59 -32.04 -6.23 3.86
C ASP D 59 -31.84 -5.72 5.31
N TRP D 60 -30.80 -4.91 5.52
CA TRP D 60 -30.46 -4.26 6.81
C TRP D 60 -29.67 -5.13 7.80
N SER D 61 -29.57 -6.43 7.53
CA SER D 61 -28.78 -7.35 8.36
C SER D 61 -27.30 -7.07 8.31
N PHE D 62 -26.64 -7.28 9.44
CA PHE D 62 -25.21 -7.14 9.53
C PHE D 62 -24.47 -8.45 9.23
N TYR D 63 -23.22 -8.31 8.83
CA TYR D 63 -22.34 -9.42 8.61
C TYR D 63 -20.89 -9.09 8.97
N ILE D 64 -20.15 -10.13 9.31
CA ILE D 64 -18.81 -9.94 9.76
C ILE D 64 -18.05 -11.25 9.57
N LEU D 65 -16.77 -11.12 9.31
CA LEU D 65 -15.85 -12.23 9.16
C LEU D 65 -14.84 -12.22 10.28
N ALA D 66 -14.90 -13.25 11.13
CA ALA D 66 -13.83 -13.55 12.06
C ALA D 66 -12.87 -14.56 11.44
N HIS D 67 -11.59 -14.38 11.73
CA HIS D 67 -10.59 -15.30 11.21
C HIS D 67 -9.41 -15.44 12.15
N THR D 68 -8.73 -16.58 12.00
CA THR D 68 -7.54 -16.85 12.79
C THR D 68 -6.61 -17.81 12.04
N GLU D 69 -5.29 -17.64 12.23
CA GLU D 69 -4.29 -18.55 11.67
C GLU D 69 -4.39 -19.89 12.38
N PHE D 70 -4.33 -20.98 11.62
CA PHE D 70 -4.37 -22.30 12.21
C PHE D 70 -3.64 -23.25 11.28
N THR D 71 -3.08 -24.29 11.87
CA THR D 71 -2.50 -25.39 11.13
C THR D 71 -3.33 -26.63 11.46
N PRO D 72 -4.16 -27.06 10.52
CA PRO D 72 -5.00 -28.22 10.76
C PRO D 72 -4.22 -29.48 11.08
N THR D 73 -4.88 -30.34 11.82
CA THR D 73 -4.32 -31.58 12.33
C THR D 73 -5.42 -32.63 12.15
N GLU D 74 -5.07 -33.91 12.12
CA GLU D 74 -6.09 -34.94 11.95
C GLU D 74 -7.16 -34.89 13.04
N THR D 75 -6.76 -34.55 14.27
CA THR D 75 -7.64 -34.73 15.44
C THR D 75 -8.12 -33.46 16.16
N ASP D 76 -7.52 -32.30 15.87
CA ASP D 76 -7.91 -31.04 16.53
C ASP D 76 -9.25 -30.61 16.01
N THR D 77 -10.11 -30.19 16.91
CA THR D 77 -11.40 -29.74 16.50
C THR D 77 -11.44 -28.24 16.72
N TYR D 78 -12.08 -27.58 15.77
CA TYR D 78 -12.29 -26.13 15.81
C TYR D 78 -13.78 -25.84 15.78
N ALA D 79 -14.16 -24.69 16.32
CA ALA D 79 -15.53 -24.25 16.32
C ALA D 79 -15.60 -22.75 16.46
N CYS D 80 -16.80 -22.24 16.21
CA CYS D 80 -17.10 -20.83 16.32
C CYS D 80 -18.33 -20.72 17.15
N ARG D 81 -18.27 -19.84 18.14
CA ARG D 81 -19.36 -19.65 19.07
C ARG D 81 -19.78 -18.19 19.05
N VAL D 82 -21.09 -18.00 18.92
CA VAL D 82 -21.66 -16.69 18.69
C VAL D 82 -22.75 -16.43 19.70
N LYS D 83 -22.66 -15.29 20.38
CA LYS D 83 -23.63 -14.84 21.36
C LYS D 83 -24.24 -13.56 20.82
N HIS D 84 -25.56 -13.55 20.75
CA HIS D 84 -26.32 -12.45 20.15
C HIS D 84 -27.68 -12.51 20.82
N ASP D 85 -28.25 -11.34 21.13
CA ASP D 85 -29.55 -11.25 21.83
C ASP D 85 -30.74 -11.94 21.18
N SER D 86 -30.61 -12.36 19.91
CA SER D 86 -31.72 -13.01 19.21
C SER D 86 -31.88 -14.48 19.65
N MET D 87 -30.88 -14.99 20.35
CA MET D 87 -30.85 -16.36 20.77
C MET D 87 -30.79 -16.45 22.27
N ALA D 88 -31.55 -17.37 22.85
CA ALA D 88 -31.54 -17.63 24.29
C ALA D 88 -30.15 -18.04 24.79
N GLU D 89 -29.44 -18.84 23.99
CA GLU D 89 -28.09 -19.28 24.35
C GLU D 89 -27.12 -19.03 23.19
N PRO D 90 -25.82 -19.03 23.47
CA PRO D 90 -24.82 -19.00 22.41
C PRO D 90 -24.86 -20.19 21.45
N LYS D 91 -24.63 -19.95 20.17
CA LYS D 91 -24.63 -20.98 19.14
C LYS D 91 -23.20 -21.36 18.77
N THR D 92 -22.91 -22.66 18.84
CA THR D 92 -21.62 -23.19 18.48
C THR D 92 -21.70 -23.97 17.17
N VAL D 93 -20.79 -23.66 16.23
CA VAL D 93 -20.75 -24.31 14.92
C VAL D 93 -19.37 -24.90 14.74
N TYR D 94 -19.32 -26.21 14.60
CA TYR D 94 -18.06 -26.92 14.39
C TYR D 94 -17.58 -26.86 12.97
N TRP D 95 -16.27 -26.74 12.82
CA TRP D 95 -15.63 -26.82 11.54
C TRP D 95 -15.74 -28.25 11.00
N ASP D 96 -16.25 -28.37 9.79
CA ASP D 96 -16.23 -29.61 9.04
C ASP D 96 -15.33 -29.39 7.86
N ARG D 97 -14.20 -30.08 7.84
CA ARG D 97 -13.21 -29.96 6.76
C ARG D 97 -13.69 -30.35 5.36
N ASP D 98 -14.77 -31.13 5.26
CA ASP D 98 -15.44 -31.43 3.98
C ASP D 98 -16.43 -30.28 3.65
N MET D 99 -16.31 -29.27 4.53
CA MET D 99 -16.82 -27.86 4.63
C MET D 99 -18.15 -27.51 4.24
N SER E 1 24.34 26.45 -9.82
CA SER E 1 24.14 27.27 -8.61
C SER E 1 22.70 27.06 -8.12
N SER E 2 22.56 26.74 -6.83
CA SER E 2 21.27 26.33 -6.26
C SER E 2 20.37 27.54 -6.02
N TYR E 3 19.07 27.28 -6.02
CA TYR E 3 18.03 28.27 -5.80
C TYR E 3 17.99 28.64 -4.32
N ARG E 4 17.70 29.89 -4.02
CA ARG E 4 17.52 30.25 -2.61
C ARG E 4 16.12 30.76 -2.34
N ARG E 5 15.31 29.92 -1.70
CA ARG E 5 13.92 30.22 -1.42
C ARG E 5 13.84 31.37 -0.40
N PRO E 6 13.18 32.48 -0.78
CA PRO E 6 13.11 33.65 0.08
C PRO E 6 11.88 33.71 0.98
N VAL E 7 10.95 32.76 0.84
CA VAL E 7 9.77 32.67 1.71
C VAL E 7 9.75 31.36 2.52
N GLY E 8 9.31 31.44 3.77
CA GLY E 8 9.29 30.32 4.67
C GLY E 8 8.19 29.32 4.37
N ILE E 9 8.38 28.11 4.87
CA ILE E 9 7.37 27.08 4.90
C ILE E 9 6.19 27.52 5.80
N SER F 1 -18.88 11.51 -3.27
CA SER F 1 -19.04 12.30 -2.01
C SER F 1 -20.49 12.14 -1.52
N SER F 2 -20.65 11.78 -0.25
CA SER F 2 -21.97 11.48 0.28
C SER F 2 -22.77 12.76 0.54
N TYR F 3 -24.07 12.56 0.61
CA TYR F 3 -25.04 13.60 0.81
C TYR F 3 -25.03 14.05 2.26
N ARG F 4 -25.28 15.34 2.50
CA ARG F 4 -25.54 15.82 3.85
C ARG F 4 -27.00 16.26 3.96
N ARG F 5 -27.81 15.48 4.70
CA ARG F 5 -29.20 15.83 4.98
C ARG F 5 -29.26 16.98 5.99
N PRO F 6 -29.77 18.15 5.55
CA PRO F 6 -29.88 19.32 6.41
C PRO F 6 -31.13 19.33 7.32
N VAL F 7 -32.07 18.40 7.10
CA VAL F 7 -33.32 18.34 7.89
C VAL F 7 -33.44 17.08 8.76
N GLY F 8 -33.89 17.25 10.00
CA GLY F 8 -34.04 16.13 10.91
C GLY F 8 -35.13 15.15 10.54
N ILE F 9 -35.01 13.92 11.02
CA ILE F 9 -36.10 12.92 11.00
C ILE F 9 -37.28 13.34 11.92
#